data_2HTE
#
_entry.id   2HTE
#
_cell.length_a   197.061
_cell.length_b   134.600
_cell.length_c   48.336
_cell.angle_alpha   90.00
_cell.angle_beta   94.66
_cell.angle_gamma   90.00
#
_symmetry.space_group_name_H-M   'C 1 2 1'
#
loop_
_entity.id
_entity.type
_entity.pdbx_description
1 polymer 'Spermidine synthase'
2 non-polymer 'UNKNOWN ATOM OR ION'
3 non-polymer "5'-DEOXY-5'-METHYLTHIOADENOSINE"
4 non-polymer 2-(2-{2-[2-(2-METHOXY-ETHOXY)-ETHOXY]-ETHOXY}-ETHOXY)-ETHANOL
5 non-polymer 'SULFATE ION'
6 water water
#
_entity_poly.entity_id   1
_entity_poly.type   'polypeptide(L)'
_entity_poly.pdbx_seq_one_letter_code
;GSKKWFSEFSIMWPGQAFSLKIKKILYETKSKYQNVLVFESTTYGKVLVLDGVIQLTEKDEFAYHEMMTHVPMTVSKEPK
NVLVVGGGDGGIIRELCKYKSVENIDICEIDETVIEVSKIYFKNISCGYEDKRVNVFIEDASKFLENVTNTYDVIIVDSS
DPIGPAETLFNQNFYEKIYNALKPNGYCVAQCESLWIHVGTIKNMIGYAKKLFKKVEYANISIPTYPCGCIGILCCSKTD
TGLTKPNKKLESKEFADLKYYNYENHSAAFKLPAFLLKEIENI
;
_entity_poly.pdbx_strand_id   A,B,C
#
# COMPACT_ATOMS: atom_id res chain seq x y z
N LYS A 3 -24.87 15.34 -16.98
CA LYS A 3 -24.38 13.92 -17.18
C LYS A 3 -23.67 13.78 -18.52
N LYS A 4 -22.59 13.01 -18.55
CA LYS A 4 -21.91 12.77 -19.83
C LYS A 4 -22.47 11.49 -20.51
N TRP A 5 -22.05 11.28 -21.74
CA TRP A 5 -22.46 10.12 -22.52
C TRP A 5 -21.22 9.31 -22.86
N PHE A 6 -21.36 7.99 -22.82
CA PHE A 6 -20.40 7.09 -23.40
C PHE A 6 -20.76 6.83 -24.87
N SER A 7 -19.79 6.93 -25.78
CA SER A 7 -20.07 6.67 -27.20
C SER A 7 -19.10 5.64 -27.76
N GLU A 8 -19.61 4.62 -28.44
CA GLU A 8 -18.70 3.64 -29.02
C GLU A 8 -18.47 3.77 -30.51
N PHE A 9 -17.21 4.04 -30.87
CA PHE A 9 -16.79 4.17 -32.26
C PHE A 9 -15.84 3.04 -32.57
N SER A 10 -15.75 2.64 -33.84
CA SER A 10 -14.86 1.56 -34.21
C SER A 10 -14.65 1.51 -35.69
N ILE A 11 -13.42 1.21 -36.09
CA ILE A 11 -13.10 0.89 -37.47
C ILE A 11 -13.89 -0.33 -37.96
N MET A 12 -14.37 -1.15 -37.00
CA MET A 12 -15.12 -2.36 -37.32
CA MET A 12 -15.12 -2.35 -37.32
C MET A 12 -16.56 -2.05 -37.76
N TRP A 13 -17.07 -0.88 -37.37
CA TRP A 13 -18.39 -0.41 -37.84
C TRP A 13 -18.27 1.10 -38.11
N PRO A 14 -17.60 1.45 -39.21
CA PRO A 14 -17.38 2.86 -39.41
C PRO A 14 -18.69 3.57 -39.84
N GLY A 15 -18.78 4.85 -39.55
CA GLY A 15 -19.96 5.61 -39.99
C GLY A 15 -21.15 5.49 -39.06
N GLN A 16 -21.07 4.64 -38.04
CA GLN A 16 -22.15 4.53 -37.06
C GLN A 16 -21.63 4.56 -35.63
N ALA A 17 -22.46 5.00 -34.68
CA ALA A 17 -22.07 4.92 -33.27
C ALA A 17 -23.30 4.72 -32.40
N PHE A 18 -23.11 4.06 -31.27
CA PHE A 18 -24.17 3.87 -30.25
C PHE A 18 -23.69 4.48 -28.94
N SER A 19 -24.60 5.12 -28.19
CA SER A 19 -24.26 5.89 -26.99
C SER A 19 -25.22 5.60 -25.85
N LEU A 20 -24.69 5.60 -24.64
CA LEU A 20 -25.44 5.41 -23.42
C LEU A 20 -25.13 6.56 -22.47
N LYS A 21 -26.15 7.04 -21.77
CA LYS A 21 -25.93 8.08 -20.80
C LYS A 21 -25.34 7.49 -19.53
N ILE A 22 -24.34 8.19 -18.97
CA ILE A 22 -23.62 7.78 -17.75
C ILE A 22 -24.27 8.37 -16.49
N LYS A 23 -24.79 7.51 -15.62
CA LYS A 23 -25.17 7.93 -14.28
C LYS A 23 -23.87 8.19 -13.47
N LYS A 24 -22.93 7.27 -13.57
CA LYS A 24 -21.72 7.27 -12.77
C LYS A 24 -20.63 6.35 -13.28
N ILE A 25 -19.43 6.88 -13.47
CA ILE A 25 -18.26 6.05 -13.78
C ILE A 25 -17.84 5.26 -12.53
N LEU A 26 -17.65 3.94 -12.65
CA LEU A 26 -17.44 3.07 -11.47
C LEU A 26 -15.99 2.60 -11.34
N TYR A 27 -15.31 2.33 -12.45
CA TYR A 27 -13.92 1.79 -12.40
C TYR A 27 -13.26 1.89 -13.75
N GLU A 28 -11.99 2.30 -13.78
CA GLU A 28 -11.18 2.24 -15.00
C GLU A 28 -9.75 1.80 -14.73
N THR A 29 -9.18 1.05 -15.68
CA THR A 29 -7.80 0.60 -15.63
C THR A 29 -7.31 0.17 -17.00
N LYS A 30 -6.02 0.32 -17.24
CA LYS A 30 -5.38 -0.33 -18.37
C LYS A 30 -4.80 -1.66 -17.87
N SER A 31 -5.37 -2.79 -18.30
CA SER A 31 -4.83 -4.09 -17.90
C SER A 31 -3.66 -4.45 -18.83
N LYS A 32 -3.06 -5.62 -18.60
CA LYS A 32 -2.00 -6.11 -19.48
C LYS A 32 -2.49 -6.24 -20.92
N TYR A 33 -3.80 -6.42 -21.08
CA TYR A 33 -4.38 -6.76 -22.39
C TYR A 33 -5.22 -5.66 -23.02
N GLN A 34 -5.98 -4.91 -22.22
CA GLN A 34 -6.96 -3.97 -22.75
C GLN A 34 -7.32 -2.91 -21.72
N ASN A 35 -7.93 -1.83 -22.23
CA ASN A 35 -8.59 -0.86 -21.37
C ASN A 35 -9.89 -1.41 -20.88
N VAL A 36 -10.16 -1.19 -19.60
CA VAL A 36 -11.33 -1.72 -18.95
C VAL A 36 -12.09 -0.52 -18.39
N LEU A 37 -13.38 -0.38 -18.70
CA LEU A 37 -14.24 0.66 -18.10
C LEU A 37 -15.55 0.06 -17.57
N VAL A 38 -15.95 0.43 -16.34
CA VAL A 38 -17.24 0.03 -15.74
C VAL A 38 -17.98 1.29 -15.34
N PHE A 39 -19.20 1.46 -15.84
CA PHE A 39 -20.02 2.57 -15.46
C PHE A 39 -21.48 2.16 -15.23
N GLU A 40 -22.15 2.83 -14.31
CA GLU A 40 -23.60 2.71 -14.23
C GLU A 40 -24.19 3.65 -15.30
N SER A 41 -25.06 3.10 -16.17
CA SER A 41 -25.70 3.93 -17.18
C SER A 41 -27.00 4.38 -16.58
N THR A 42 -27.65 5.38 -17.18
CA THR A 42 -28.99 5.78 -16.66
C THR A 42 -30.11 4.76 -16.93
N THR A 43 -30.05 4.10 -18.08
CA THR A 43 -31.16 3.22 -18.48
C THR A 43 -30.86 1.72 -18.76
N TYR A 44 -29.59 1.33 -18.80
CA TYR A 44 -29.24 -0.02 -19.16
C TYR A 44 -28.51 -0.75 -18.01
N GLY A 45 -28.59 -0.17 -16.82
CA GLY A 45 -27.83 -0.68 -15.67
C GLY A 45 -26.33 -0.52 -15.85
N LYS A 46 -25.57 -1.41 -15.20
CA LYS A 46 -24.11 -1.36 -15.29
C LYS A 46 -23.60 -1.89 -16.62
N VAL A 47 -22.54 -1.29 -17.09
CA VAL A 47 -21.97 -1.56 -18.43
C VAL A 47 -20.50 -1.89 -18.30
N LEU A 48 -20.09 -2.98 -18.96
CA LEU A 48 -18.68 -3.34 -19.07
C LEU A 48 -18.20 -2.95 -20.46
N VAL A 49 -17.10 -2.21 -20.49
CA VAL A 49 -16.54 -1.72 -21.75
C VAL A 49 -15.09 -2.17 -21.79
N LEU A 50 -14.71 -2.80 -22.90
CA LEU A 50 -13.36 -3.26 -23.15
C LEU A 50 -12.83 -2.65 -24.44
N ASP A 51 -11.70 -1.93 -24.35
CA ASP A 51 -11.13 -1.17 -25.46
C ASP A 51 -12.17 -0.34 -26.20
N GLY A 52 -13.03 0.32 -25.43
CA GLY A 52 -14.05 1.20 -26.00
C GLY A 52 -15.23 0.48 -26.64
N VAL A 53 -15.30 -0.85 -26.53
CA VAL A 53 -16.39 -1.60 -27.11
C VAL A 53 -17.23 -2.16 -25.95
N ILE A 54 -18.56 -1.98 -26.01
CA ILE A 54 -19.44 -2.50 -24.97
C ILE A 54 -19.32 -4.01 -24.97
N GLN A 55 -18.98 -4.52 -23.78
CA GLN A 55 -18.92 -5.97 -23.59
C GLN A 55 -20.24 -6.50 -23.11
N LEU A 56 -20.89 -5.78 -22.22
CA LEU A 56 -22.19 -6.19 -21.74
C LEU A 56 -22.86 -5.06 -20.96
N THR A 57 -24.18 -5.15 -20.86
CA THR A 57 -24.95 -4.33 -19.95
C THR A 57 -25.87 -5.27 -19.15
N GLU A 58 -26.15 -4.91 -17.91
CA GLU A 58 -27.13 -5.65 -17.13
C GLU A 58 -28.52 -5.80 -17.79
N LYS A 59 -28.95 -4.81 -18.58
CA LYS A 59 -30.29 -4.83 -19.19
C LYS A 59 -30.50 -5.94 -20.21
N ASP A 60 -29.54 -6.16 -21.09
CA ASP A 60 -29.76 -7.11 -22.18
C ASP A 60 -28.83 -8.36 -22.22
N GLU A 61 -27.95 -8.51 -21.22
CA GLU A 61 -26.94 -9.56 -21.31
C GLU A 61 -27.53 -10.94 -21.39
N PHE A 62 -28.63 -11.19 -20.70
CA PHE A 62 -29.30 -12.51 -20.71
C PHE A 62 -29.66 -13.01 -22.11
N ALA A 63 -29.90 -12.08 -23.05
CA ALA A 63 -30.26 -12.45 -24.42
C ALA A 63 -29.09 -13.22 -25.03
N TYR A 64 -27.92 -12.61 -24.97
CA TYR A 64 -26.71 -13.20 -25.54
C TYR A 64 -26.23 -14.43 -24.73
N HIS A 65 -26.11 -14.30 -23.42
CA HIS A 65 -25.61 -15.45 -22.63
C HIS A 65 -26.58 -16.66 -22.64
N GLU A 66 -27.90 -16.42 -22.56
CA GLU A 66 -28.87 -17.52 -22.74
C GLU A 66 -28.79 -18.19 -24.11
N MET A 67 -28.81 -17.43 -25.21
CA MET A 67 -28.77 -18.06 -26.55
C MET A 67 -27.52 -18.85 -26.82
N MET A 68 -26.38 -18.26 -26.49
CA MET A 68 -25.07 -18.88 -26.70
C MET A 68 -24.91 -20.19 -25.93
N THR A 69 -25.52 -20.26 -24.75
CA THR A 69 -25.36 -21.41 -23.86
C THR A 69 -26.41 -22.48 -24.15
N HIS A 70 -27.67 -22.08 -24.26
CA HIS A 70 -28.76 -23.08 -24.27
C HIS A 70 -29.04 -23.70 -25.61
N VAL A 71 -28.55 -23.05 -26.66
CA VAL A 71 -28.61 -23.62 -28.00
C VAL A 71 -27.80 -24.96 -27.98
N PRO A 72 -26.46 -24.93 -27.74
CA PRO A 72 -25.71 -26.21 -27.78
C PRO A 72 -26.07 -27.18 -26.66
N MET A 73 -26.42 -26.65 -25.49
CA MET A 73 -26.63 -27.46 -24.30
C MET A 73 -27.98 -28.17 -24.29
N THR A 74 -28.90 -27.77 -25.18
CA THR A 74 -30.17 -28.50 -25.26
C THR A 74 -30.07 -29.52 -26.39
N VAL A 75 -29.01 -29.42 -27.18
CA VAL A 75 -28.79 -30.32 -28.31
C VAL A 75 -27.83 -31.44 -27.88
N SER A 76 -26.78 -31.07 -27.13
CA SER A 76 -25.91 -32.08 -26.51
C SER A 76 -26.72 -32.96 -25.55
N LYS A 77 -26.59 -34.28 -25.67
CA LYS A 77 -27.47 -35.17 -24.90
C LYS A 77 -27.22 -35.21 -23.39
N GLU A 78 -26.00 -35.51 -22.97
CA GLU A 78 -25.68 -35.45 -21.55
C GLU A 78 -24.29 -34.85 -21.41
N PRO A 79 -24.19 -33.51 -21.59
CA PRO A 79 -22.89 -32.82 -21.54
C PRO A 79 -22.31 -32.90 -20.16
N LYS A 80 -21.08 -33.37 -20.06
CA LYS A 80 -20.37 -33.49 -18.76
C LYS A 80 -19.28 -32.45 -18.57
N ASN A 81 -18.59 -32.13 -19.65
CA ASN A 81 -17.43 -31.29 -19.58
C ASN A 81 -17.57 -30.22 -20.65
N VAL A 82 -17.58 -28.96 -20.20
CA VAL A 82 -17.81 -27.83 -21.07
C VAL A 82 -16.65 -26.85 -20.90
N LEU A 83 -16.17 -26.33 -22.02
CA LEU A 83 -15.17 -25.25 -22.06
C LEU A 83 -15.80 -23.91 -22.48
N VAL A 84 -15.52 -22.87 -21.72
CA VAL A 84 -15.80 -21.51 -22.19
C VAL A 84 -14.47 -20.86 -22.57
N VAL A 85 -14.37 -20.36 -23.79
CA VAL A 85 -13.24 -19.56 -24.21
C VAL A 85 -13.62 -18.07 -24.15
N GLY A 86 -12.81 -17.25 -23.48
CA GLY A 86 -13.19 -15.83 -23.22
C GLY A 86 -14.21 -15.86 -22.11
N GLY A 87 -15.23 -15.00 -22.19
CA GLY A 87 -16.32 -15.08 -21.22
C GLY A 87 -16.00 -14.75 -19.77
N GLY A 88 -14.96 -13.93 -19.58
CA GLY A 88 -14.48 -13.55 -18.24
C GLY A 88 -15.57 -12.98 -17.35
N ASP A 89 -16.54 -12.29 -17.93
CA ASP A 89 -17.67 -11.76 -17.16
C ASP A 89 -18.46 -12.85 -16.44
N GLY A 90 -18.44 -14.06 -16.98
CA GLY A 90 -19.09 -15.21 -16.33
C GLY A 90 -20.57 -15.41 -16.67
N GLY A 91 -21.11 -14.61 -17.58
CA GLY A 91 -22.48 -14.86 -18.07
C GLY A 91 -22.72 -16.28 -18.58
N ILE A 92 -21.87 -16.77 -19.48
CA ILE A 92 -22.04 -18.14 -19.93
C ILE A 92 -21.98 -19.14 -18.78
N ILE A 93 -20.98 -19.01 -17.93
CA ILE A 93 -20.79 -19.93 -16.81
C ILE A 93 -22.05 -20.00 -15.96
N ARG A 94 -22.67 -18.83 -15.74
CA ARG A 94 -23.89 -18.74 -14.91
C ARG A 94 -25.00 -19.61 -15.51
N GLU A 95 -25.10 -19.62 -16.83
CA GLU A 95 -26.12 -20.38 -17.52
C GLU A 95 -25.74 -21.85 -17.58
N LEU A 96 -24.45 -22.16 -17.79
CA LEU A 96 -23.95 -23.53 -17.68
C LEU A 96 -24.25 -24.23 -16.33
N CYS A 97 -24.11 -23.51 -15.22
CA CYS A 97 -24.29 -24.08 -13.86
C CYS A 97 -25.72 -24.56 -13.60
N LYS A 98 -26.68 -24.03 -14.35
CA LYS A 98 -28.09 -24.49 -14.29
C LYS A 98 -28.33 -25.96 -14.64
N TYR A 99 -27.37 -26.59 -15.32
CA TYR A 99 -27.43 -27.95 -15.77
C TYR A 99 -26.78 -28.86 -14.71
N LYS A 100 -27.61 -29.67 -14.05
CA LYS A 100 -27.13 -30.64 -13.01
C LYS A 100 -26.19 -31.72 -13.55
N SER A 101 -26.41 -32.15 -14.79
CA SER A 101 -25.58 -33.14 -15.49
C SER A 101 -24.11 -32.72 -15.70
N VAL A 102 -23.85 -31.41 -15.77
CA VAL A 102 -22.48 -30.96 -16.00
C VAL A 102 -21.61 -31.30 -14.78
N GLU A 103 -20.44 -31.91 -15.04
CA GLU A 103 -19.47 -32.24 -13.97
C GLU A 103 -18.32 -31.22 -13.88
N ASN A 104 -17.94 -30.61 -14.99
CA ASN A 104 -16.83 -29.67 -14.97
C ASN A 104 -17.06 -28.53 -15.94
N ILE A 105 -16.63 -27.33 -15.56
CA ILE A 105 -16.68 -26.17 -16.45
C ILE A 105 -15.32 -25.53 -16.35
N ASP A 106 -14.57 -25.66 -17.43
CA ASP A 106 -13.29 -25.00 -17.62
C ASP A 106 -13.59 -23.69 -18.32
N ILE A 107 -12.93 -22.63 -17.87
CA ILE A 107 -12.98 -21.36 -18.59
C ILE A 107 -11.56 -20.87 -18.81
N CYS A 108 -11.25 -20.56 -20.06
CA CYS A 108 -9.98 -19.98 -20.40
C CYS A 108 -10.19 -18.51 -20.82
N GLU A 109 -9.82 -17.60 -19.91
CA GLU A 109 -9.88 -16.16 -20.13
C GLU A 109 -8.44 -15.61 -20.00
N ILE A 110 -8.03 -14.82 -20.97
CA ILE A 110 -6.67 -14.28 -21.00
C ILE A 110 -6.42 -13.14 -19.98
N ASP A 111 -7.50 -12.44 -19.63
CA ASP A 111 -7.41 -11.24 -18.79
C ASP A 111 -8.09 -11.47 -17.46
N GLU A 112 -7.32 -11.73 -16.41
CA GLU A 112 -7.88 -11.98 -15.08
C GLU A 112 -8.56 -10.75 -14.51
N THR A 113 -8.13 -9.57 -14.96
CA THR A 113 -8.79 -8.30 -14.56
C THR A 113 -10.30 -8.33 -14.88
N VAL A 114 -10.67 -8.84 -16.07
CA VAL A 114 -12.08 -8.98 -16.45
C VAL A 114 -12.81 -9.81 -15.42
N ILE A 115 -12.25 -10.97 -15.05
CA ILE A 115 -12.88 -11.85 -14.07
C ILE A 115 -13.06 -11.11 -12.72
N GLU A 116 -11.98 -10.50 -12.22
CA GLU A 116 -12.09 -9.83 -10.92
CA GLU A 116 -12.00 -9.78 -10.95
C GLU A 116 -13.01 -8.61 -10.99
N VAL A 117 -12.97 -7.84 -12.05
CA VAL A 117 -13.94 -6.74 -12.20
C VAL A 117 -15.40 -7.23 -12.23
N SER A 118 -15.65 -8.36 -12.90
CA SER A 118 -17.00 -8.92 -12.89
CA SER A 118 -17.00 -8.92 -12.90
C SER A 118 -17.42 -9.41 -11.51
N LYS A 119 -16.50 -10.01 -10.75
CA LYS A 119 -16.84 -10.49 -9.42
C LYS A 119 -17.17 -9.34 -8.50
N ILE A 120 -16.52 -8.21 -8.72
CA ILE A 120 -16.77 -7.04 -7.85
C ILE A 120 -18.04 -6.28 -8.27
N TYR A 121 -18.14 -5.92 -9.56
CA TYR A 121 -19.14 -4.95 -10.02
C TYR A 121 -20.43 -5.57 -10.59
N PHE A 122 -20.39 -6.87 -10.91
CA PHE A 122 -21.46 -7.53 -11.66
C PHE A 122 -21.78 -8.85 -10.99
N LYS A 123 -22.18 -8.79 -9.72
CA LYS A 123 -22.36 -10.01 -8.91
C LYS A 123 -23.39 -11.00 -9.47
N ASN A 124 -24.45 -10.49 -10.08
CA ASN A 124 -25.48 -11.38 -10.64
C ASN A 124 -25.10 -11.99 -12.00
N ILE A 125 -23.97 -11.56 -12.56
CA ILE A 125 -23.45 -12.15 -13.77
C ILE A 125 -22.34 -13.16 -13.43
N SER A 126 -21.50 -12.81 -12.43
CA SER A 126 -20.29 -13.59 -12.09
C SER A 126 -20.52 -14.65 -10.99
N CYS A 127 -21.78 -14.86 -10.62
CA CYS A 127 -22.14 -15.71 -9.49
C CYS A 127 -21.72 -17.19 -9.70
N GLY A 128 -21.63 -17.63 -10.96
CA GLY A 128 -21.24 -19.01 -11.27
C GLY A 128 -19.82 -19.37 -10.84
N TYR A 129 -18.99 -18.37 -10.59
CA TYR A 129 -17.59 -18.59 -10.16
C TYR A 129 -17.49 -19.29 -8.81
N GLU A 130 -18.56 -19.21 -8.02
CA GLU A 130 -18.64 -19.85 -6.72
C GLU A 130 -18.93 -21.33 -6.85
N ASP A 131 -19.40 -21.76 -8.00
CA ASP A 131 -19.71 -23.17 -8.24
C ASP A 131 -18.43 -24.00 -8.28
N LYS A 132 -18.41 -25.08 -7.47
CA LYS A 132 -17.21 -25.94 -7.36
C LYS A 132 -16.80 -26.67 -8.62
N ARG A 133 -17.67 -26.70 -9.64
CA ARG A 133 -17.35 -27.37 -10.89
C ARG A 133 -16.52 -26.49 -11.84
N VAL A 134 -16.32 -25.24 -11.48
CA VAL A 134 -15.78 -24.23 -12.39
C VAL A 134 -14.30 -24.14 -12.10
N ASN A 135 -13.51 -24.26 -13.17
CA ASN A 135 -12.08 -24.13 -13.05
C ASN A 135 -11.58 -23.09 -14.03
N VAL A 136 -10.79 -22.13 -13.53
CA VAL A 136 -10.30 -20.95 -14.28
C VAL A 136 -8.84 -21.07 -14.76
N PHE A 137 -8.62 -20.77 -16.04
CA PHE A 137 -7.31 -20.81 -16.62
C PHE A 137 -7.08 -19.43 -17.17
N ILE A 138 -6.04 -18.78 -16.66
CA ILE A 138 -5.70 -17.44 -17.11
C ILE A 138 -4.64 -17.60 -18.19
N GLU A 139 -5.10 -17.67 -19.43
CA GLU A 139 -4.21 -17.89 -20.56
C GLU A 139 -4.85 -17.66 -21.90
N ASP A 140 -4.02 -17.47 -22.92
CA ASP A 140 -4.46 -17.36 -24.30
C ASP A 140 -5.14 -18.69 -24.72
N ALA A 141 -6.39 -18.59 -25.18
CA ALA A 141 -7.14 -19.79 -25.59
C ALA A 141 -6.44 -20.58 -26.67
N SER A 142 -5.62 -19.90 -27.46
CA SER A 142 -4.84 -20.52 -28.51
C SER A 142 -3.84 -21.54 -27.95
N LYS A 143 -3.09 -21.11 -26.93
CA LYS A 143 -2.21 -21.98 -26.14
C LYS A 143 -2.99 -23.03 -25.32
N PHE A 144 -4.02 -22.62 -24.58
CA PHE A 144 -4.86 -23.56 -23.85
C PHE A 144 -5.31 -24.75 -24.73
N LEU A 145 -5.88 -24.46 -25.90
CA LEU A 145 -6.43 -25.47 -26.79
C LEU A 145 -5.39 -26.40 -27.40
N GLU A 146 -4.16 -25.91 -27.62
CA GLU A 146 -3.07 -26.77 -28.10
C GLU A 146 -2.63 -27.78 -26.99
N ASN A 147 -2.65 -27.32 -25.74
CA ASN A 147 -2.20 -28.10 -24.60
C ASN A 147 -3.23 -28.97 -23.84
N VAL A 148 -4.52 -28.72 -23.99
CA VAL A 148 -5.48 -29.40 -23.13
C VAL A 148 -5.42 -30.91 -23.42
N THR A 149 -5.55 -31.76 -22.40
CA THR A 149 -5.60 -33.20 -22.62
C THR A 149 -7.03 -33.75 -22.72
N ASN A 150 -7.96 -33.19 -21.93
CA ASN A 150 -9.37 -33.60 -21.95
C ASN A 150 -10.01 -33.23 -23.30
N THR A 151 -11.12 -33.87 -23.62
CA THR A 151 -12.00 -33.43 -24.70
C THR A 151 -13.35 -32.99 -24.11
N TYR A 152 -14.05 -32.10 -24.82
CA TYR A 152 -15.23 -31.45 -24.25
C TYR A 152 -16.46 -31.82 -25.05
N ASP A 153 -17.60 -31.83 -24.36
CA ASP A 153 -18.88 -32.08 -24.99
C ASP A 153 -19.36 -30.83 -25.74
N VAL A 154 -19.07 -29.66 -25.16
CA VAL A 154 -19.43 -28.37 -25.76
C VAL A 154 -18.31 -27.37 -25.48
N ILE A 155 -17.96 -26.60 -26.51
CA ILE A 155 -17.05 -25.45 -26.37
C ILE A 155 -17.82 -24.20 -26.80
N ILE A 156 -17.82 -23.18 -25.96
CA ILE A 156 -18.51 -21.96 -26.25
C ILE A 156 -17.45 -20.86 -26.41
N VAL A 157 -17.23 -20.38 -27.61
CA VAL A 157 -16.25 -19.32 -27.81
C VAL A 157 -16.94 -17.96 -27.64
N ASP A 158 -16.83 -17.41 -26.42
CA ASP A 158 -17.39 -16.10 -26.06
C ASP A 158 -16.31 -15.04 -26.19
N SER A 159 -15.90 -14.76 -27.43
CA SER A 159 -14.86 -13.78 -27.75
C SER A 159 -14.91 -13.29 -29.17
N SER A 160 -14.47 -12.03 -29.38
CA SER A 160 -14.24 -11.46 -30.70
C SER A 160 -12.75 -11.42 -31.01
N PHE A 170 -9.54 -16.30 -34.04
CA PHE A 170 -10.41 -16.90 -35.06
C PHE A 170 -9.74 -16.97 -36.46
N ASN A 171 -9.33 -18.18 -36.85
CA ASN A 171 -8.63 -18.48 -38.10
C ASN A 171 -8.74 -19.99 -38.32
N GLN A 172 -8.10 -20.51 -39.37
CA GLN A 172 -8.20 -21.94 -39.70
C GLN A 172 -7.58 -22.85 -38.64
N ASN A 173 -6.40 -22.46 -38.14
CA ASN A 173 -5.72 -23.23 -37.11
C ASN A 173 -6.51 -23.28 -35.83
N PHE A 174 -7.21 -22.19 -35.51
CA PHE A 174 -8.03 -22.14 -34.29
C PHE A 174 -9.18 -23.15 -34.33
N TYR A 175 -9.82 -23.29 -35.48
CA TYR A 175 -10.96 -24.23 -35.60
C TYR A 175 -10.52 -25.69 -35.60
N GLU A 176 -9.35 -25.96 -36.16
CA GLU A 176 -8.70 -27.27 -36.02
C GLU A 176 -8.51 -27.63 -34.52
N LYS A 177 -7.99 -26.68 -33.73
CA LYS A 177 -7.82 -26.88 -32.28
C LYS A 177 -9.14 -27.14 -31.54
N ILE A 178 -10.18 -26.42 -31.94
CA ILE A 178 -11.51 -26.63 -31.37
CA ILE A 178 -11.52 -26.62 -31.40
C ILE A 178 -12.01 -28.02 -31.78
N TYR A 179 -11.88 -28.37 -33.08
CA TYR A 179 -12.33 -29.69 -33.57
C TYR A 179 -11.69 -30.84 -32.74
N ASN A 180 -10.36 -30.78 -32.60
CA ASN A 180 -9.58 -31.75 -31.84
C ASN A 180 -9.86 -31.75 -30.33
N ALA A 181 -10.29 -30.61 -29.79
CA ALA A 181 -10.64 -30.54 -28.35
C ALA A 181 -12.04 -31.01 -28.05
N LEU A 182 -12.80 -31.39 -29.08
CA LEU A 182 -14.17 -31.83 -28.91
C LEU A 182 -14.24 -33.35 -28.97
N LYS A 183 -15.19 -33.89 -28.23
CA LYS A 183 -15.58 -35.28 -28.36
C LYS A 183 -16.04 -35.59 -29.82
N PRO A 184 -16.04 -36.91 -30.21
CA PRO A 184 -16.60 -37.30 -31.50
C PRO A 184 -17.98 -36.66 -31.85
N ASN A 185 -18.87 -36.52 -30.87
CA ASN A 185 -20.20 -35.94 -31.06
CA ASN A 185 -20.18 -35.90 -31.12
C ASN A 185 -20.32 -34.55 -30.41
N GLY A 186 -19.22 -33.81 -30.36
CA GLY A 186 -19.15 -32.54 -29.63
C GLY A 186 -19.63 -31.37 -30.49
N TYR A 187 -19.95 -30.25 -29.84
CA TYR A 187 -20.44 -29.04 -30.51
C TYR A 187 -19.62 -27.84 -30.08
N CYS A 188 -19.42 -26.89 -31.00
CA CYS A 188 -18.82 -25.63 -30.65
C CYS A 188 -19.78 -24.57 -31.13
N VAL A 189 -20.04 -23.58 -30.30
CA VAL A 189 -20.69 -22.34 -30.76
C VAL A 189 -19.75 -21.17 -30.50
N ALA A 190 -19.64 -20.25 -31.46
CA ALA A 190 -18.74 -19.10 -31.35
C ALA A 190 -19.43 -17.80 -31.69
N GLN A 191 -19.12 -16.74 -30.96
CA GLN A 191 -19.61 -15.43 -31.34
C GLN A 191 -19.14 -15.09 -32.78
N CYS A 192 -20.06 -14.55 -33.60
CA CYS A 192 -19.78 -14.42 -35.01
C CYS A 192 -20.43 -13.26 -35.75
N GLU A 193 -20.20 -12.02 -35.34
CA GLU A 193 -20.47 -10.84 -36.19
C GLU A 193 -21.96 -10.51 -36.30
N SER A 194 -22.24 -9.31 -36.79
CA SER A 194 -23.58 -8.91 -37.17
C SER A 194 -23.77 -9.09 -38.66
N LEU A 195 -24.87 -9.74 -39.06
CA LEU A 195 -25.22 -9.90 -40.46
C LEU A 195 -25.44 -8.56 -41.17
N TRP A 196 -25.66 -7.49 -40.41
CA TRP A 196 -25.82 -6.16 -40.98
C TRP A 196 -24.51 -5.49 -41.39
N ILE A 197 -23.39 -5.92 -40.84
CA ILE A 197 -22.13 -5.25 -41.19
C ILE A 197 -20.96 -6.10 -41.64
N HIS A 198 -20.88 -7.35 -41.26
CA HIS A 198 -19.67 -8.07 -41.64
C HIS A 198 -19.92 -9.40 -42.32
N VAL A 199 -20.70 -9.38 -43.40
CA VAL A 199 -21.03 -10.61 -44.14
C VAL A 199 -19.76 -11.34 -44.66
N GLY A 200 -18.79 -10.58 -45.16
CA GLY A 200 -17.51 -11.16 -45.61
C GLY A 200 -16.82 -11.97 -44.51
N THR A 201 -16.77 -11.44 -43.29
CA THR A 201 -16.24 -12.16 -42.11
C THR A 201 -17.02 -13.43 -41.82
N ILE A 202 -18.34 -13.32 -41.77
CA ILE A 202 -19.21 -14.47 -41.53
C ILE A 202 -18.91 -15.57 -42.54
N LYS A 203 -18.69 -15.17 -43.80
CA LYS A 203 -18.35 -16.11 -44.90
C LYS A 203 -16.99 -16.75 -44.70
N ASN A 204 -16.02 -15.93 -44.31
CA ASN A 204 -14.68 -16.43 -43.93
C ASN A 204 -14.78 -17.48 -42.82
N MET A 205 -15.42 -17.11 -41.70
CA MET A 205 -15.60 -17.99 -40.54
C MET A 205 -16.31 -19.28 -40.87
N ILE A 206 -17.43 -19.18 -41.58
CA ILE A 206 -18.13 -20.37 -42.10
C ILE A 206 -17.18 -21.24 -42.95
N GLY A 207 -16.36 -20.63 -43.79
CA GLY A 207 -15.39 -21.38 -44.61
C GLY A 207 -14.32 -22.13 -43.81
N TYR A 208 -13.73 -21.49 -42.81
CA TYR A 208 -12.84 -22.17 -41.85
C TYR A 208 -13.52 -23.34 -41.17
N ALA A 209 -14.70 -23.09 -40.61
CA ALA A 209 -15.45 -24.13 -39.90
C ALA A 209 -15.79 -25.36 -40.77
N LYS A 210 -16.16 -25.13 -42.02
CA LYS A 210 -16.62 -26.19 -42.94
C LYS A 210 -15.49 -27.13 -43.39
N LYS A 211 -14.24 -26.67 -43.28
CA LYS A 211 -13.05 -27.47 -43.53
C LYS A 211 -13.00 -28.72 -42.63
N LEU A 212 -13.62 -28.65 -41.45
CA LEU A 212 -13.52 -29.70 -40.43
C LEU A 212 -14.83 -30.24 -39.98
N PHE A 213 -15.79 -29.33 -39.80
CA PHE A 213 -17.07 -29.69 -39.25
C PHE A 213 -18.02 -30.09 -40.38
N LYS A 214 -18.76 -31.15 -40.15
CA LYS A 214 -19.64 -31.65 -41.20
C LYS A 214 -20.91 -30.77 -41.31
N LYS A 215 -21.20 -30.04 -40.23
CA LYS A 215 -22.41 -29.19 -40.18
C LYS A 215 -22.12 -27.83 -39.55
N VAL A 216 -22.15 -26.77 -40.37
CA VAL A 216 -21.93 -25.42 -39.91
C VAL A 216 -23.19 -24.57 -40.14
N GLU A 217 -23.74 -23.98 -39.07
CA GLU A 217 -24.99 -23.24 -39.15
C GLU A 217 -24.80 -21.89 -38.46
N TYR A 218 -25.60 -20.90 -38.84
CA TYR A 218 -25.48 -19.56 -38.30
C TYR A 218 -26.82 -19.10 -37.74
N ALA A 219 -26.77 -18.54 -36.54
CA ALA A 219 -27.97 -18.08 -35.83
C ALA A 219 -27.79 -16.61 -35.47
N ASN A 220 -28.91 -15.91 -35.28
CA ASN A 220 -28.88 -14.49 -34.91
C ASN A 220 -29.63 -14.27 -33.59
N ILE A 221 -29.04 -13.40 -32.77
CA ILE A 221 -29.58 -12.97 -31.48
C ILE A 221 -29.88 -11.46 -31.55
N SER A 222 -31.05 -11.06 -31.06
CA SER A 222 -31.40 -9.66 -30.96
C SER A 222 -30.91 -9.15 -29.60
N ILE A 223 -30.12 -8.07 -29.61
CA ILE A 223 -29.52 -7.52 -28.40
C ILE A 223 -29.09 -6.09 -28.71
N PRO A 224 -29.78 -5.11 -28.10
CA PRO A 224 -29.61 -3.70 -28.49
C PRO A 224 -28.19 -3.10 -28.40
N THR A 225 -27.36 -3.56 -27.46
CA THR A 225 -26.08 -2.92 -27.18
C THR A 225 -24.90 -3.58 -27.90
N TYR A 226 -25.17 -4.54 -28.80
CA TYR A 226 -24.19 -4.94 -29.81
C TYR A 226 -24.47 -4.08 -31.04
N PRO A 227 -23.43 -3.68 -31.77
CA PRO A 227 -23.57 -2.86 -32.96
C PRO A 227 -24.62 -3.45 -33.92
N CYS A 228 -25.52 -2.59 -34.41
CA CYS A 228 -26.60 -3.03 -35.31
C CYS A 228 -27.69 -3.81 -34.57
N GLY A 229 -27.55 -3.91 -33.23
CA GLY A 229 -28.60 -4.49 -32.38
C GLY A 229 -28.75 -5.98 -32.52
N CYS A 230 -27.73 -6.63 -33.09
CA CYS A 230 -27.72 -8.07 -33.16
C CYS A 230 -26.29 -8.68 -33.23
N ILE A 231 -26.19 -9.95 -32.88
CA ILE A 231 -24.93 -10.68 -32.99
C ILE A 231 -25.24 -12.14 -33.34
N GLY A 232 -24.42 -12.74 -34.19
CA GLY A 232 -24.64 -14.14 -34.57
C GLY A 232 -23.79 -15.15 -33.79
N ILE A 233 -24.21 -16.40 -33.89
CA ILE A 233 -23.59 -17.57 -33.30
C ILE A 233 -23.27 -18.43 -34.48
N LEU A 234 -21.99 -18.69 -34.63
CA LEU A 234 -21.49 -19.69 -35.59
C LEU A 234 -21.56 -21.07 -34.92
N CYS A 235 -22.33 -21.98 -35.52
CA CYS A 235 -22.64 -23.25 -34.88
C CYS A 235 -21.96 -24.42 -35.62
N CYS A 236 -21.15 -25.20 -34.89
CA CYS A 236 -20.32 -26.26 -35.51
C CYS A 236 -20.63 -27.61 -34.91
N SER A 237 -20.97 -28.58 -35.77
CA SER A 237 -21.33 -29.92 -35.38
C SER A 237 -20.47 -30.94 -36.13
N LYS A 238 -20.22 -32.08 -35.49
CA LYS A 238 -19.45 -33.14 -36.11
C LYS A 238 -20.39 -34.15 -36.77
N THR A 239 -21.66 -34.17 -36.33
CA THR A 239 -22.72 -35.00 -36.93
C THR A 239 -23.60 -34.16 -37.87
N ASP A 240 -24.15 -34.82 -38.90
CA ASP A 240 -24.92 -34.13 -39.95
C ASP A 240 -26.21 -33.51 -39.40
N THR A 241 -26.58 -33.89 -38.18
CA THR A 241 -27.82 -33.39 -37.55
C THR A 241 -27.83 -31.90 -37.09
N GLY A 242 -26.68 -31.36 -36.67
CA GLY A 242 -26.60 -29.92 -36.37
C GLY A 242 -27.24 -29.42 -35.08
N LEU A 243 -27.34 -28.08 -34.96
CA LEU A 243 -27.78 -27.44 -33.71
C LEU A 243 -29.11 -26.65 -33.76
N THR A 244 -29.84 -26.75 -34.87
CA THR A 244 -31.09 -25.99 -35.04
C THR A 244 -32.31 -26.51 -34.25
N LYS A 245 -32.25 -27.76 -33.79
CA LYS A 245 -33.39 -28.36 -33.07
C LYS A 245 -32.96 -28.90 -31.69
N PRO A 246 -33.52 -28.36 -30.59
CA PRO A 246 -33.24 -28.86 -29.24
C PRO A 246 -33.73 -30.30 -29.00
N ASN A 247 -33.00 -31.05 -28.16
CA ASN A 247 -33.35 -32.43 -27.79
C ASN A 247 -33.97 -32.49 -26.42
N LYS A 248 -34.12 -31.36 -25.77
CA LYS A 248 -34.66 -31.35 -24.45
C LYS A 248 -35.39 -30.03 -24.21
N LYS A 249 -36.34 -30.07 -23.31
CA LYS A 249 -36.95 -28.84 -22.84
C LYS A 249 -36.37 -28.49 -21.47
N LEU A 250 -36.25 -27.19 -21.21
CA LEU A 250 -35.67 -26.69 -19.98
C LEU A 250 -36.74 -26.43 -18.94
N GLU A 251 -37.16 -27.51 -18.28
CA GLU A 251 -38.36 -27.52 -17.44
C GLU A 251 -38.14 -27.48 -15.95
N SER A 252 -36.94 -27.84 -15.49
CA SER A 252 -36.61 -27.87 -14.06
C SER A 252 -36.52 -26.48 -13.46
N LYS A 253 -36.55 -26.39 -12.12
CA LYS A 253 -36.62 -25.12 -11.42
C LYS A 253 -35.46 -24.15 -11.72
N GLU A 254 -34.32 -24.69 -12.15
CA GLU A 254 -33.11 -23.91 -12.43
C GLU A 254 -33.30 -23.00 -13.63
N PHE A 255 -34.22 -23.37 -14.51
CA PHE A 255 -34.45 -22.63 -15.76
C PHE A 255 -35.74 -21.78 -15.75
N ALA A 256 -36.42 -21.77 -14.60
CA ALA A 256 -37.66 -21.01 -14.44
C ALA A 256 -37.43 -19.51 -14.70
N ASP A 257 -36.20 -19.05 -14.43
CA ASP A 257 -35.81 -17.64 -14.58
C ASP A 257 -35.46 -17.15 -15.99
N LEU A 258 -35.51 -18.03 -17.00
CA LEU A 258 -35.05 -17.67 -18.33
C LEU A 258 -35.84 -16.50 -18.92
N LYS A 259 -35.11 -15.61 -19.57
CA LYS A 259 -35.68 -14.35 -20.03
C LYS A 259 -35.75 -14.19 -21.54
N TYR A 260 -34.99 -14.98 -22.30
CA TYR A 260 -34.97 -14.90 -23.73
C TYR A 260 -35.22 -16.29 -24.31
N TYR A 261 -34.26 -17.19 -24.06
CA TYR A 261 -34.34 -18.56 -24.59
C TYR A 261 -35.65 -19.31 -24.27
N ASN A 262 -36.21 -19.89 -25.32
CA ASN A 262 -37.17 -20.97 -25.17
C ASN A 262 -37.06 -21.94 -26.33
N TYR A 263 -37.74 -23.07 -26.20
CA TYR A 263 -37.75 -24.14 -27.19
C TYR A 263 -38.02 -23.67 -28.65
N GLU A 264 -38.99 -22.78 -28.80
CA GLU A 264 -39.32 -22.26 -30.13
C GLU A 264 -38.34 -21.24 -30.69
N ASN A 265 -37.85 -20.33 -29.86
CA ASN A 265 -36.83 -19.34 -30.24
CA ASN A 265 -36.92 -19.37 -30.45
C ASN A 265 -35.52 -19.95 -30.69
N HIS A 266 -35.23 -21.12 -30.15
CA HIS A 266 -34.01 -21.83 -30.47
C HIS A 266 -33.98 -22.00 -31.99
N SER A 267 -34.97 -22.70 -32.55
CA SER A 267 -35.03 -22.97 -33.99
C SER A 267 -35.20 -21.70 -34.83
N ALA A 268 -35.97 -20.74 -34.30
CA ALA A 268 -36.31 -19.50 -35.05
C ALA A 268 -35.08 -18.67 -35.36
N ALA A 269 -34.03 -18.83 -34.53
CA ALA A 269 -32.86 -17.96 -34.57
C ALA A 269 -31.99 -18.33 -35.76
N PHE A 270 -32.21 -19.53 -36.29
CA PHE A 270 -31.54 -20.01 -37.49
C PHE A 270 -32.23 -19.64 -38.79
N LYS A 271 -33.38 -18.98 -38.71
CA LYS A 271 -34.12 -18.52 -39.91
C LYS A 271 -33.62 -17.12 -40.30
N LEU A 272 -32.74 -17.04 -41.27
CA LEU A 272 -31.96 -15.85 -41.57
C LEU A 272 -32.59 -15.03 -42.69
N PRO A 273 -32.32 -13.72 -42.73
CA PRO A 273 -32.74 -12.86 -43.87
C PRO A 273 -32.20 -13.39 -45.21
N ALA A 274 -33.00 -13.20 -46.27
CA ALA A 274 -32.72 -13.76 -47.60
C ALA A 274 -31.40 -13.30 -48.16
N PHE A 275 -31.03 -12.05 -47.90
CA PHE A 275 -29.75 -11.60 -48.37
C PHE A 275 -28.58 -12.43 -47.78
N LEU A 276 -28.68 -12.77 -46.48
CA LEU A 276 -27.63 -13.57 -45.81
C LEU A 276 -27.53 -15.00 -46.35
N LEU A 277 -28.66 -15.68 -46.56
CA LEU A 277 -28.64 -17.02 -47.17
C LEU A 277 -28.06 -17.02 -48.55
N LYS A 278 -28.34 -15.98 -49.32
CA LYS A 278 -27.80 -15.90 -50.66
C LYS A 278 -26.25 -15.80 -50.62
N GLU A 279 -25.73 -15.04 -49.68
CA GLU A 279 -24.30 -14.81 -49.60
C GLU A 279 -23.52 -16.05 -49.18
N ILE A 280 -24.14 -16.88 -48.34
CA ILE A 280 -23.45 -18.00 -47.75
C ILE A 280 -23.70 -19.32 -48.50
N GLU A 281 -24.69 -19.32 -49.39
CA GLU A 281 -25.13 -20.52 -50.14
C GLU A 281 -24.02 -21.26 -50.91
N ASN A 282 -23.05 -20.53 -51.48
CA ASN A 282 -22.00 -21.16 -52.30
C ASN A 282 -20.66 -21.44 -51.56
N ILE A 283 -20.69 -21.41 -50.22
CA ILE A 283 -19.49 -21.66 -49.40
C ILE A 283 -19.24 -23.16 -49.22
N LYS B 3 -18.17 15.08 4.31
CA LYS B 3 -16.97 14.19 4.05
C LYS B 3 -16.54 13.53 5.36
N LYS B 4 -16.44 12.21 5.35
CA LYS B 4 -16.27 11.43 6.57
C LYS B 4 -14.79 11.11 6.82
N TRP B 5 -14.49 10.53 7.98
CA TRP B 5 -13.12 10.16 8.36
C TRP B 5 -13.13 8.68 8.69
N PHE B 6 -12.08 8.00 8.27
CA PHE B 6 -11.79 6.68 8.78
C PHE B 6 -10.97 6.83 10.06
N SER B 7 -11.34 6.11 11.12
CA SER B 7 -10.54 6.10 12.32
C SER B 7 -10.22 4.69 12.74
N GLU B 8 -9.02 4.47 13.21
CA GLU B 8 -8.68 3.16 13.72
C GLU B 8 -8.40 3.17 15.21
N PHE B 9 -9.08 2.28 15.91
CA PHE B 9 -8.88 2.09 17.33
C PHE B 9 -8.48 0.65 17.45
N SER B 10 -7.83 0.32 18.56
CA SER B 10 -7.52 -1.05 18.88
C SER B 10 -7.14 -1.22 20.33
N ILE B 11 -7.55 -2.34 20.91
CA ILE B 11 -7.06 -2.73 22.23
C ILE B 11 -5.53 -2.89 22.22
N MET B 12 -4.92 -3.04 21.04
CA MET B 12 -3.47 -3.17 20.89
CA MET B 12 -3.47 -3.17 20.96
C MET B 12 -2.72 -1.85 21.10
N TRP B 13 -3.45 -0.74 21.02
CA TRP B 13 -2.87 0.61 21.23
C TRP B 13 -3.92 1.47 21.93
N PRO B 14 -4.23 1.13 23.17
CA PRO B 14 -5.32 1.77 23.86
C PRO B 14 -4.95 3.22 24.19
N GLY B 15 -5.96 4.06 24.11
CA GLY B 15 -5.80 5.46 24.43
C GLY B 15 -5.32 6.33 23.31
N GLN B 16 -5.14 5.78 22.12
CA GLN B 16 -4.74 6.61 20.96
C GLN B 16 -5.48 6.15 19.69
N ALA B 17 -5.58 7.03 18.68
CA ALA B 17 -6.25 6.66 17.43
C ALA B 17 -5.62 7.46 16.29
N PHE B 18 -5.66 6.93 15.08
CA PHE B 18 -5.19 7.65 13.91
C PHE B 18 -6.33 7.67 12.91
N SER B 19 -6.52 8.83 12.28
CA SER B 19 -7.61 9.04 11.33
C SER B 19 -7.17 9.63 10.01
N LEU B 20 -7.84 9.23 8.95
CA LEU B 20 -7.60 9.78 7.61
C LEU B 20 -8.96 10.18 7.05
N LYS B 21 -9.02 11.36 6.46
CA LYS B 21 -10.23 11.79 5.79
C LYS B 21 -10.44 10.97 4.49
N ILE B 22 -11.69 10.53 4.28
CA ILE B 22 -12.09 9.70 3.14
C ILE B 22 -12.54 10.57 1.95
N LYS B 23 -11.89 10.47 0.80
CA LYS B 23 -12.37 11.13 -0.43
C LYS B 23 -13.54 10.32 -0.99
N LYS B 24 -13.36 8.99 -1.06
CA LYS B 24 -14.41 8.04 -1.50
C LYS B 24 -14.11 6.58 -1.17
N ILE B 25 -15.13 5.85 -0.72
CA ILE B 25 -15.02 4.40 -0.49
C ILE B 25 -15.02 3.72 -1.85
N LEU B 26 -14.10 2.77 -2.07
CA LEU B 26 -14.04 2.05 -3.35
C LEU B 26 -14.58 0.64 -3.26
N TYR B 27 -14.36 -0.04 -2.15
CA TYR B 27 -14.69 -1.45 -2.03
C TYR B 27 -14.81 -1.84 -0.57
N GLU B 28 -15.86 -2.59 -0.24
CA GLU B 28 -15.98 -3.22 1.07
C GLU B 28 -16.55 -4.59 0.87
N THR B 29 -16.06 -5.55 1.65
CA THR B 29 -16.53 -6.92 1.57
C THR B 29 -15.98 -7.68 2.74
N LYS B 30 -16.65 -8.76 3.07
CA LYS B 30 -16.19 -9.64 4.11
C LYS B 30 -15.71 -10.89 3.40
N SER B 31 -14.42 -11.14 3.47
CA SER B 31 -13.87 -12.36 2.92
C SER B 31 -14.15 -13.47 3.93
N LYS B 32 -13.76 -14.68 3.57
CA LYS B 32 -13.76 -15.81 4.46
C LYS B 32 -13.07 -15.50 5.77
N TYR B 33 -12.08 -14.62 5.71
CA TYR B 33 -11.08 -14.41 6.78
C TYR B 33 -11.13 -13.08 7.54
N GLN B 34 -11.56 -12.00 6.88
CA GLN B 34 -11.46 -10.66 7.45
C GLN B 34 -12.31 -9.66 6.68
N ASN B 35 -12.67 -8.56 7.34
CA ASN B 35 -13.31 -7.46 6.64
C ASN B 35 -12.26 -6.72 5.83
N VAL B 36 -12.63 -6.36 4.60
CA VAL B 36 -11.72 -5.75 3.64
C VAL B 36 -12.36 -4.46 3.18
N LEU B 37 -11.66 -3.36 3.38
CA LEU B 37 -12.13 -2.01 3.01
C LEU B 37 -11.04 -1.37 2.20
N VAL B 38 -11.42 -0.74 1.09
CA VAL B 38 -10.52 0.02 0.28
C VAL B 38 -11.14 1.40 0.08
N PHE B 39 -10.41 2.45 0.44
CA PHE B 39 -10.94 3.78 0.22
C PHE B 39 -9.86 4.66 -0.35
N GLU B 40 -10.26 5.69 -1.07
CA GLU B 40 -9.35 6.73 -1.43
C GLU B 40 -9.44 7.82 -0.34
N SER B 41 -8.30 8.08 0.32
CA SER B 41 -8.18 9.15 1.30
C SER B 41 -7.89 10.43 0.55
N THR B 42 -8.11 11.57 1.23
CA THR B 42 -7.79 12.89 0.68
C THR B 42 -6.29 13.18 0.51
N THR B 43 -5.43 12.65 1.38
CA THR B 43 -4.02 13.05 1.26
C THR B 43 -3.00 11.89 1.26
N TYR B 44 -3.46 10.66 1.57
CA TYR B 44 -2.57 9.50 1.56
C TYR B 44 -2.74 8.55 0.37
N GLY B 45 -3.52 8.98 -0.64
CA GLY B 45 -3.84 8.12 -1.78
C GLY B 45 -4.74 6.99 -1.34
N LYS B 46 -4.69 5.86 -2.04
CA LYS B 46 -5.56 4.74 -1.68
C LYS B 46 -5.13 3.95 -0.43
N VAL B 47 -6.09 3.47 0.33
CA VAL B 47 -5.84 2.84 1.61
C VAL B 47 -6.52 1.48 1.67
N LEU B 48 -5.74 0.46 2.02
CA LEU B 48 -6.21 -0.90 2.31
C LEU B 48 -6.33 -1.07 3.82
N VAL B 49 -7.56 -1.37 4.28
CA VAL B 49 -7.86 -1.67 5.73
C VAL B 49 -8.35 -3.12 5.89
N LEU B 50 -7.76 -3.86 6.81
CA LEU B 50 -8.14 -5.24 7.05
C LEU B 50 -8.54 -5.35 8.52
N ASP B 51 -9.76 -5.79 8.76
CA ASP B 51 -10.34 -5.81 10.10
C ASP B 51 -10.18 -4.48 10.85
N GLY B 52 -10.46 -3.38 10.18
CA GLY B 52 -10.44 -2.08 10.85
C GLY B 52 -9.05 -1.47 11.08
N VAL B 53 -8.01 -2.15 10.62
CA VAL B 53 -6.64 -1.74 10.86
C VAL B 53 -6.02 -1.44 9.49
N ILE B 54 -5.41 -0.24 9.34
CA ILE B 54 -4.69 0.11 8.09
C ILE B 54 -3.59 -0.94 7.78
N GLN B 55 -3.68 -1.54 6.62
CA GLN B 55 -2.68 -2.48 6.15
C GLN B 55 -1.61 -1.75 5.32
N LEU B 56 -2.07 -0.83 4.48
CA LEU B 56 -1.17 0.05 3.73
C LEU B 56 -1.82 1.29 3.17
N THR B 57 -1.00 2.29 2.81
CA THR B 57 -1.50 3.42 2.03
C THR B 57 -0.52 3.59 0.86
N GLU B 58 -0.94 4.19 -0.23
CA GLU B 58 -0.02 4.39 -1.34
C GLU B 58 1.07 5.40 -0.97
N LYS B 59 0.75 6.33 -0.09
CA LYS B 59 1.67 7.43 0.19
C LYS B 59 2.95 6.94 0.86
N ASP B 60 2.82 5.99 1.77
CA ASP B 60 3.97 5.61 2.57
C ASP B 60 4.39 4.15 2.47
N GLU B 61 3.71 3.33 1.69
CA GLU B 61 3.95 1.86 1.70
C GLU B 61 5.38 1.47 1.33
N PHE B 62 5.99 2.30 0.47
CA PHE B 62 7.37 1.95 -0.02
C PHE B 62 8.38 1.86 1.13
N ALA B 63 8.17 2.60 2.23
CA ALA B 63 9.10 2.56 3.37
C ALA B 63 9.24 1.19 4.02
N TYR B 64 8.09 0.59 4.33
CA TYR B 64 8.01 -0.69 4.91
C TYR B 64 8.44 -1.77 3.89
N HIS B 65 7.89 -1.73 2.69
CA HIS B 65 8.23 -2.79 1.75
C HIS B 65 9.67 -2.80 1.35
N GLU B 66 10.26 -1.61 1.17
CA GLU B 66 11.72 -1.53 0.80
C GLU B 66 12.61 -2.01 1.91
N MET B 67 12.35 -1.57 3.14
CA MET B 67 13.21 -1.93 4.26
C MET B 67 13.11 -3.41 4.58
N MET B 68 11.90 -3.96 4.58
CA MET B 68 11.70 -5.40 4.82
C MET B 68 12.40 -6.28 3.79
N THR B 69 12.46 -5.81 2.55
CA THR B 69 13.00 -6.63 1.43
C THR B 69 14.52 -6.44 1.30
N HIS B 70 14.94 -5.19 1.22
CA HIS B 70 16.32 -4.88 0.89
C HIS B 70 17.34 -5.07 2.00
N VAL B 71 16.89 -5.03 3.25
CA VAL B 71 17.74 -5.45 4.35
C VAL B 71 18.24 -6.91 4.20
N PRO B 72 17.35 -7.92 4.17
CA PRO B 72 17.93 -9.26 4.00
C PRO B 72 18.51 -9.49 2.59
N MET B 73 17.93 -8.86 1.58
CA MET B 73 18.34 -9.15 0.18
C MET B 73 19.67 -8.56 -0.21
N THR B 74 20.18 -7.63 0.58
CA THR B 74 21.49 -7.06 0.27
C THR B 74 22.57 -7.76 1.11
N VAL B 75 22.15 -8.65 2.01
CA VAL B 75 23.08 -9.41 2.85
C VAL B 75 23.20 -10.85 2.33
N SER B 76 22.07 -11.51 2.06
CA SER B 76 22.06 -12.84 1.44
C SER B 76 22.83 -12.76 0.09
N LYS B 77 23.81 -13.64 -0.12
CA LYS B 77 24.56 -13.64 -1.40
C LYS B 77 23.90 -14.58 -2.41
N GLU B 78 23.55 -14.08 -3.59
CA GLU B 78 22.96 -14.93 -4.65
CA GLU B 78 22.95 -14.92 -4.66
C GLU B 78 21.76 -15.79 -4.18
N PRO B 79 20.77 -15.17 -3.46
CA PRO B 79 19.61 -15.95 -3.04
C PRO B 79 18.87 -16.49 -4.28
N LYS B 80 18.51 -17.76 -4.24
CA LYS B 80 17.76 -18.39 -5.33
CA LYS B 80 17.78 -18.47 -5.31
C LYS B 80 16.29 -18.62 -4.99
N ASN B 81 15.99 -18.87 -3.72
CA ASN B 81 14.61 -19.14 -3.35
C ASN B 81 14.21 -18.22 -2.23
N VAL B 82 13.11 -17.48 -2.42
CA VAL B 82 12.60 -16.56 -1.40
C VAL B 82 11.11 -16.86 -1.13
N LEU B 83 10.74 -16.85 0.13
CA LEU B 83 9.34 -16.96 0.54
C LEU B 83 8.82 -15.67 1.22
N VAL B 84 7.64 -15.23 0.79
CA VAL B 84 6.92 -14.22 1.53
C VAL B 84 5.76 -14.91 2.28
N VAL B 85 5.67 -14.72 3.59
CA VAL B 85 4.53 -15.22 4.41
C VAL B 85 3.55 -14.04 4.59
N GLY B 86 2.27 -14.22 4.27
CA GLY B 86 1.29 -13.11 4.26
C GLY B 86 1.58 -12.26 3.04
N GLY B 87 1.45 -10.95 3.18
CA GLY B 87 1.87 -10.02 2.08
C GLY B 87 1.11 -10.11 0.76
N GLY B 88 -0.18 -10.43 0.86
CA GLY B 88 -1.06 -10.60 -0.30
C GLY B 88 -1.18 -9.34 -1.13
N ASP B 89 -0.99 -8.18 -0.51
CA ASP B 89 -0.91 -6.94 -1.28
C ASP B 89 0.17 -6.89 -2.38
N GLY B 90 1.23 -7.67 -2.18
CA GLY B 90 2.27 -7.84 -3.20
C GLY B 90 3.41 -6.87 -3.09
N GLY B 91 3.36 -5.96 -2.14
CA GLY B 91 4.46 -4.99 -2.02
C GLY B 91 5.85 -5.60 -1.85
N ILE B 92 6.00 -6.58 -0.96
CA ILE B 92 7.30 -7.26 -0.81
C ILE B 92 7.72 -7.96 -2.15
N ILE B 93 6.79 -8.68 -2.77
CA ILE B 93 7.03 -9.30 -4.10
C ILE B 93 7.53 -8.29 -5.13
N ARG B 94 6.91 -7.11 -5.22
CA ARG B 94 7.44 -6.05 -6.13
C ARG B 94 8.93 -5.76 -5.92
N GLU B 95 9.31 -5.64 -4.66
CA GLU B 95 10.73 -5.35 -4.35
C GLU B 95 11.59 -6.56 -4.63
N LEU B 96 11.05 -7.75 -4.39
CA LEU B 96 11.86 -8.96 -4.64
C LEU B 96 12.10 -9.17 -6.16
N CYS B 97 11.15 -8.77 -7.02
CA CYS B 97 11.29 -8.99 -8.47
C CYS B 97 12.50 -8.24 -9.09
N LYS B 98 12.99 -7.22 -8.38
CA LYS B 98 14.05 -6.36 -8.81
C LYS B 98 15.39 -7.13 -8.80
N TYR B 99 15.45 -8.25 -8.06
CA TYR B 99 16.63 -9.09 -7.99
C TYR B 99 16.55 -10.14 -9.09
N LYS B 100 17.35 -9.95 -10.15
CA LYS B 100 17.28 -10.87 -11.31
C LYS B 100 17.82 -12.30 -11.06
N SER B 101 18.69 -12.43 -10.04
CA SER B 101 19.30 -13.71 -9.54
C SER B 101 18.30 -14.69 -8.92
N VAL B 102 17.22 -14.17 -8.34
CA VAL B 102 16.24 -15.03 -7.69
C VAL B 102 15.53 -15.88 -8.74
N GLU B 103 15.37 -17.15 -8.44
CA GLU B 103 14.73 -18.09 -9.37
C GLU B 103 13.27 -18.25 -9.07
N ASN B 104 12.94 -18.38 -7.80
CA ASN B 104 11.57 -18.67 -7.40
C ASN B 104 11.20 -17.73 -6.26
N ILE B 105 10.10 -17.03 -6.43
CA ILE B 105 9.53 -16.23 -5.35
C ILE B 105 8.21 -16.89 -5.01
N ASP B 106 8.17 -17.56 -3.89
CA ASP B 106 6.97 -18.23 -3.41
C ASP B 106 6.31 -17.29 -2.45
N ILE B 107 4.98 -17.28 -2.48
CA ILE B 107 4.23 -16.49 -1.51
C ILE B 107 3.11 -17.34 -0.97
N CYS B 108 2.96 -17.33 0.34
CA CYS B 108 1.85 -18.02 0.97
CA CYS B 108 1.82 -17.99 0.93
C CYS B 108 0.94 -17.01 1.69
N GLU B 109 -0.24 -16.77 1.12
CA GLU B 109 -1.22 -15.84 1.64
C GLU B 109 -2.56 -16.61 1.86
N ILE B 110 -3.15 -16.47 3.04
CA ILE B 110 -4.34 -17.21 3.42
C ILE B 110 -5.59 -16.74 2.71
N ASP B 111 -5.64 -15.44 2.40
CA ASP B 111 -6.84 -14.78 1.90
C ASP B 111 -6.64 -14.29 0.45
N GLU B 112 -7.13 -15.08 -0.50
CA GLU B 112 -7.04 -14.76 -1.89
C GLU B 112 -7.67 -13.44 -2.28
N THR B 113 -8.69 -13.02 -1.51
CA THR B 113 -9.35 -11.74 -1.78
C THR B 113 -8.48 -10.52 -1.62
N VAL B 114 -7.48 -10.60 -0.73
CA VAL B 114 -6.53 -9.49 -0.55
C VAL B 114 -5.70 -9.35 -1.83
N ILE B 115 -5.29 -10.48 -2.39
CA ILE B 115 -4.52 -10.46 -3.66
C ILE B 115 -5.37 -9.86 -4.80
N GLU B 116 -6.59 -10.36 -4.94
CA GLU B 116 -7.56 -9.82 -5.92
C GLU B 116 -7.79 -8.32 -5.78
N VAL B 117 -8.09 -7.86 -4.56
CA VAL B 117 -8.30 -6.46 -4.29
C VAL B 117 -7.04 -5.65 -4.63
N SER B 118 -5.87 -6.20 -4.29
CA SER B 118 -4.66 -5.47 -4.53
C SER B 118 -4.38 -5.34 -6.02
N LYS B 119 -4.58 -6.42 -6.78
CA LYS B 119 -4.46 -6.34 -8.26
C LYS B 119 -5.41 -5.31 -8.93
N ILE B 120 -6.57 -5.12 -8.32
CA ILE B 120 -7.60 -4.22 -8.89
C ILE B 120 -7.37 -2.75 -8.50
N TYR B 121 -7.14 -2.47 -7.21
CA TYR B 121 -7.05 -1.08 -6.73
C TYR B 121 -5.65 -0.53 -6.43
N PHE B 122 -4.63 -1.40 -6.41
CA PHE B 122 -3.27 -1.01 -6.04
C PHE B 122 -2.29 -1.58 -7.03
N LYS B 123 -2.46 -1.20 -8.28
CA LYS B 123 -1.64 -1.69 -9.39
C LYS B 123 -0.14 -1.49 -9.23
N ASN B 124 0.28 -0.34 -8.72
CA ASN B 124 1.68 -0.05 -8.45
C ASN B 124 2.31 -0.86 -7.32
N ILE B 125 1.48 -1.58 -6.57
CA ILE B 125 1.96 -2.40 -5.47
C ILE B 125 1.89 -3.87 -5.88
N SER B 126 0.83 -4.26 -6.60
CA SER B 126 0.59 -5.65 -6.98
C SER B 126 1.19 -6.05 -8.33
N CYS B 127 1.90 -5.14 -9.00
CA CYS B 127 2.52 -5.39 -10.33
C CYS B 127 3.44 -6.63 -10.45
N GLY B 128 4.11 -6.97 -9.34
CA GLY B 128 5.00 -8.14 -9.26
C GLY B 128 4.35 -9.50 -9.48
N TYR B 129 3.05 -9.62 -9.25
CA TYR B 129 2.33 -10.88 -9.55
C TYR B 129 2.44 -11.34 -11.03
N GLU B 130 2.76 -10.41 -11.94
CA GLU B 130 2.99 -10.69 -13.36
C GLU B 130 4.34 -11.35 -13.64
N ASP B 131 5.30 -11.19 -12.74
CA ASP B 131 6.59 -11.88 -12.87
C ASP B 131 6.40 -13.41 -12.84
N LYS B 132 6.97 -14.09 -13.84
CA LYS B 132 6.71 -15.51 -14.06
C LYS B 132 7.40 -16.36 -12.98
N ARG B 133 8.35 -15.78 -12.26
CA ARG B 133 8.98 -16.49 -11.15
C ARG B 133 8.09 -16.58 -9.88
N VAL B 134 6.99 -15.83 -9.87
CA VAL B 134 6.12 -15.73 -8.70
C VAL B 134 5.15 -16.89 -8.65
N ASN B 135 5.19 -17.66 -7.56
CA ASN B 135 4.25 -18.75 -7.32
C ASN B 135 3.40 -18.47 -6.10
N VAL B 136 2.08 -18.48 -6.26
CA VAL B 136 1.16 -18.09 -5.20
C VAL B 136 0.52 -19.33 -4.54
N PHE B 137 0.57 -19.40 -3.22
CA PHE B 137 -0.03 -20.47 -2.49
C PHE B 137 -1.09 -19.87 -1.55
N ILE B 138 -2.35 -20.26 -1.75
CA ILE B 138 -3.43 -19.82 -0.91
C ILE B 138 -3.53 -20.83 0.19
N GLU B 139 -2.87 -20.51 1.30
CA GLU B 139 -2.72 -21.47 2.36
C GLU B 139 -2.30 -20.73 3.63
N ASP B 140 -2.65 -21.31 4.77
CA ASP B 140 -2.17 -20.87 6.09
C ASP B 140 -0.69 -21.12 6.16
N ALA B 141 0.06 -20.10 6.55
CA ALA B 141 1.49 -20.17 6.49
C ALA B 141 2.11 -21.20 7.44
N SER B 142 1.57 -21.40 8.65
CA SER B 142 2.25 -22.40 9.53
C SER B 142 2.03 -23.80 9.00
N LYS B 143 0.96 -23.99 8.24
CA LYS B 143 0.73 -25.22 7.50
C LYS B 143 1.66 -25.37 6.27
N PHE B 144 1.82 -24.30 5.48
CA PHE B 144 2.78 -24.28 4.36
C PHE B 144 4.20 -24.58 4.84
N LEU B 145 4.61 -23.94 5.95
CA LEU B 145 5.95 -24.07 6.49
C LEU B 145 6.39 -25.45 7.05
N GLU B 146 5.49 -26.16 7.71
CA GLU B 146 5.82 -27.54 8.14
C GLU B 146 6.03 -28.46 6.92
N ASN B 147 5.56 -27.99 5.76
CA ASN B 147 5.69 -28.74 4.52
C ASN B 147 6.98 -28.53 3.67
N VAL B 148 7.93 -27.75 4.20
CA VAL B 148 9.17 -27.36 3.48
C VAL B 148 10.37 -27.36 4.42
N THR B 149 11.51 -27.91 3.99
CA THR B 149 12.74 -27.88 4.78
C THR B 149 13.97 -27.56 3.93
N ASN B 150 14.92 -26.83 4.50
CA ASN B 150 16.19 -26.58 3.85
C ASN B 150 16.05 -25.98 2.44
N THR B 151 15.15 -25.01 2.28
CA THR B 151 14.75 -24.55 0.95
C THR B 151 15.09 -23.08 0.69
N TYR B 152 14.69 -22.20 1.61
CA TYR B 152 14.67 -20.79 1.31
C TYR B 152 15.92 -20.09 1.74
N ASP B 153 16.43 -19.23 0.88
CA ASP B 153 17.55 -18.39 1.28
C ASP B 153 17.12 -17.22 2.18
N VAL B 154 15.92 -16.72 1.91
CA VAL B 154 15.32 -15.63 2.69
C VAL B 154 13.82 -15.91 2.84
N ILE B 155 13.29 -15.71 4.07
CA ILE B 155 11.86 -15.71 4.34
C ILE B 155 11.47 -14.35 4.91
N ILE B 156 10.46 -13.69 4.33
CA ILE B 156 10.06 -12.38 4.84
C ILE B 156 8.65 -12.58 5.38
N VAL B 157 8.45 -12.29 6.64
CA VAL B 157 7.14 -12.51 7.24
C VAL B 157 6.44 -11.16 7.28
N ASP B 158 5.59 -10.96 6.27
CA ASP B 158 4.84 -9.75 6.12
C ASP B 158 3.49 -10.00 6.73
N SER B 159 3.46 -10.10 8.05
CA SER B 159 2.22 -10.35 8.72
C SER B 159 2.27 -10.01 10.21
N SER B 160 1.14 -9.52 10.73
CA SER B 160 0.92 -9.46 12.19
C SER B 160 0.03 -10.60 12.77
N ASP B 161 -0.85 -11.16 11.93
CA ASP B 161 -1.84 -12.20 12.33
C ASP B 161 -1.30 -13.62 12.40
N ASN B 171 4.82 -16.99 17.30
CA ASN B 171 5.18 -17.94 18.38
C ASN B 171 6.40 -18.89 18.15
N GLN B 172 6.74 -19.66 19.19
CA GLN B 172 7.97 -20.45 19.24
C GLN B 172 7.99 -21.60 18.21
N ASN B 173 6.82 -22.21 18.00
CA ASN B 173 6.62 -23.25 16.99
C ASN B 173 6.78 -22.72 15.58
N PHE B 174 6.26 -21.52 15.35
CA PHE B 174 6.37 -20.87 14.06
C PHE B 174 7.83 -20.68 13.67
N TYR B 175 8.63 -20.14 14.58
CA TYR B 175 10.03 -19.87 14.33
C TYR B 175 10.88 -21.13 14.10
N GLU B 176 10.50 -22.23 14.74
CA GLU B 176 11.21 -23.46 14.50
C GLU B 176 10.93 -23.94 13.08
N LYS B 177 9.68 -23.84 12.64
CA LYS B 177 9.28 -24.07 11.25
C LYS B 177 10.07 -23.19 10.25
N ILE B 178 10.17 -21.88 10.53
CA ILE B 178 11.02 -20.97 9.73
C ILE B 178 12.48 -21.41 9.71
N TYR B 179 13.01 -21.68 10.90
CA TYR B 179 14.39 -22.09 11.03
C TYR B 179 14.59 -23.36 10.16
N ASN B 180 13.67 -24.32 10.30
CA ASN B 180 13.81 -25.54 9.52
CA ASN B 180 13.62 -25.57 9.51
C ASN B 180 13.64 -25.33 7.99
N ALA B 181 12.77 -24.41 7.55
CA ALA B 181 12.57 -24.16 6.08
C ALA B 181 13.72 -23.42 5.41
N LEU B 182 14.56 -22.76 6.22
CA LEU B 182 15.68 -22.01 5.70
C LEU B 182 16.89 -22.91 5.38
N LYS B 183 17.69 -22.46 4.41
CA LYS B 183 18.99 -23.04 4.11
C LYS B 183 19.90 -22.85 5.32
N PRO B 184 21.04 -23.60 5.41
CA PRO B 184 21.88 -23.47 6.61
C PRO B 184 22.33 -22.04 6.84
N ASN B 185 22.44 -21.25 5.78
CA ASN B 185 22.87 -19.85 5.85
C ASN B 185 21.75 -18.82 5.57
N GLY B 186 20.51 -19.21 5.80
CA GLY B 186 19.38 -18.38 5.45
C GLY B 186 18.94 -17.40 6.52
N TYR B 187 18.14 -16.42 6.09
CA TYR B 187 17.71 -15.30 6.92
C TYR B 187 16.17 -15.20 6.92
N CYS B 188 15.61 -14.83 8.07
CA CYS B 188 14.23 -14.44 8.18
C CYS B 188 14.14 -13.03 8.77
N VAL B 189 13.29 -12.21 8.15
CA VAL B 189 12.89 -10.92 8.73
C VAL B 189 11.38 -10.97 8.92
N ALA B 190 10.91 -10.43 10.04
CA ALA B 190 9.50 -10.50 10.36
C ALA B 190 9.01 -9.15 10.92
N GLN B 191 7.83 -8.75 10.50
CA GLN B 191 7.25 -7.54 11.07
C GLN B 191 7.18 -7.73 12.56
N CYS B 192 7.51 -6.68 13.34
CA CYS B 192 7.58 -6.90 14.79
C CYS B 192 7.37 -5.66 15.64
N GLU B 193 6.14 -5.15 15.70
CA GLU B 193 5.70 -4.19 16.76
C GLU B 193 6.33 -2.82 16.67
N SER B 194 5.74 -1.85 17.37
CA SER B 194 6.33 -0.56 17.53
C SER B 194 7.01 -0.48 18.90
N LEU B 195 8.27 -0.04 18.89
CA LEU B 195 9.01 0.19 20.11
C LEU B 195 8.35 1.21 21.06
N TRP B 196 7.40 2.00 20.54
CA TRP B 196 6.66 3.01 21.34
C TRP B 196 5.53 2.45 22.14
N ILE B 197 5.09 1.24 21.79
CA ILE B 197 3.96 0.67 22.50
C ILE B 197 4.17 -0.79 22.96
N HIS B 198 4.91 -1.65 22.26
CA HIS B 198 4.99 -3.04 22.74
C HIS B 198 6.36 -3.62 22.97
N VAL B 199 7.10 -3.03 23.89
CA VAL B 199 8.48 -3.47 24.16
C VAL B 199 8.51 -4.91 24.69
N GLY B 200 7.53 -5.28 25.51
CA GLY B 200 7.53 -6.61 26.13
C GLY B 200 7.35 -7.69 25.06
N THR B 201 6.44 -7.44 24.13
CA THR B 201 6.29 -8.27 22.94
C THR B 201 7.57 -8.37 22.11
N ILE B 202 8.26 -7.25 21.88
CA ILE B 202 9.53 -7.27 21.13
C ILE B 202 10.51 -8.17 21.86
N LYS B 203 10.60 -8.04 23.18
CA LYS B 203 11.54 -8.88 23.92
C LYS B 203 11.13 -10.34 23.88
N ASN B 204 9.84 -10.63 23.94
CA ASN B 204 9.35 -12.02 23.84
C ASN B 204 9.74 -12.64 22.52
N MET B 205 9.54 -11.87 21.45
CA MET B 205 9.89 -12.32 20.11
C MET B 205 11.37 -12.51 19.91
N ILE B 206 12.18 -11.58 20.41
CA ILE B 206 13.63 -11.73 20.38
C ILE B 206 14.04 -13.00 21.17
N GLY B 207 13.44 -13.21 22.34
CA GLY B 207 13.64 -14.43 23.13
C GLY B 207 13.40 -15.73 22.38
N TYR B 208 12.23 -15.88 21.74
CA TYR B 208 11.92 -17.08 20.95
C TYR B 208 12.97 -17.31 19.86
N ALA B 209 13.29 -16.22 19.13
CA ALA B 209 14.16 -16.32 17.97
C ALA B 209 15.54 -16.75 18.39
N LYS B 210 15.99 -16.27 19.57
CA LYS B 210 17.38 -16.50 20.04
C LYS B 210 17.64 -17.94 20.48
N LYS B 211 16.56 -18.66 20.73
CA LYS B 211 16.64 -20.09 21.07
C LYS B 211 17.07 -20.91 19.85
N LEU B 212 16.92 -20.34 18.65
CA LEU B 212 17.20 -21.04 17.38
C LEU B 212 18.28 -20.41 16.54
N PHE B 213 18.22 -19.09 16.42
CA PHE B 213 19.09 -18.34 15.54
C PHE B 213 20.34 -17.82 16.26
N LYS B 214 21.50 -17.91 15.60
CA LYS B 214 22.77 -17.39 16.11
C LYS B 214 22.74 -15.89 16.39
N LYS B 215 22.12 -15.13 15.49
CA LYS B 215 22.09 -13.67 15.59
C LYS B 215 20.65 -13.22 15.39
N VAL B 216 20.16 -12.38 16.32
CA VAL B 216 18.80 -11.85 16.28
C VAL B 216 18.94 -10.36 16.54
N GLU B 217 18.47 -9.55 15.61
CA GLU B 217 18.67 -8.10 15.65
C GLU B 217 17.30 -7.49 15.39
N TYR B 218 17.17 -6.21 15.71
CA TYR B 218 15.91 -5.49 15.62
C TYR B 218 16.19 -4.13 14.94
N ALA B 219 15.37 -3.80 13.94
CA ALA B 219 15.46 -2.52 13.23
C ALA B 219 14.12 -1.81 13.23
N ASN B 220 14.18 -0.49 13.08
CA ASN B 220 12.99 0.36 13.08
C ASN B 220 12.82 1.11 11.76
N ILE B 221 11.58 1.22 11.31
CA ILE B 221 11.23 1.90 10.02
C ILE B 221 10.24 3.00 10.38
N SER B 222 10.52 4.21 9.89
CA SER B 222 9.57 5.36 9.98
C SER B 222 8.51 5.20 8.89
N ILE B 223 7.26 5.12 9.32
CA ILE B 223 6.12 4.97 8.44
C ILE B 223 4.84 5.49 9.15
N PRO B 224 4.32 6.64 8.68
CA PRO B 224 3.34 7.42 9.43
C PRO B 224 2.01 6.74 9.70
N THR B 225 1.60 5.80 8.84
CA THR B 225 0.33 5.19 8.99
C THR B 225 0.25 3.88 9.78
N TYR B 226 1.37 3.36 10.25
CA TYR B 226 1.39 2.33 11.30
C TYR B 226 1.27 3.06 12.66
N PRO B 227 0.64 2.42 13.66
CA PRO B 227 0.41 3.05 14.96
C PRO B 227 1.75 3.54 15.57
N CYS B 228 1.80 4.79 16.02
CA CYS B 228 3.01 5.41 16.62
C CYS B 228 4.01 5.82 15.53
N GLY B 229 3.62 5.66 14.25
CA GLY B 229 4.42 6.15 13.10
C GLY B 229 5.70 5.37 12.81
N CYS B 230 5.82 4.17 13.37
CA CYS B 230 6.95 3.29 13.11
C CYS B 230 6.59 1.83 13.31
N ILE B 231 7.36 0.95 12.69
CA ILE B 231 7.18 -0.48 12.85
C ILE B 231 8.55 -1.11 12.78
N GLY B 232 8.75 -2.18 13.55
CA GLY B 232 10.06 -2.82 13.64
C GLY B 232 10.18 -4.08 12.79
N ILE B 233 11.42 -4.50 12.60
CA ILE B 233 11.68 -5.70 11.87
C ILE B 233 12.53 -6.56 12.77
N LEU B 234 12.09 -7.79 13.02
CA LEU B 234 12.90 -8.78 13.73
C LEU B 234 13.78 -9.52 12.73
N CYS B 235 15.09 -9.43 12.91
CA CYS B 235 16.02 -9.91 11.89
C CYS B 235 16.83 -11.12 12.42
N CYS B 236 16.69 -12.27 11.74
CA CYS B 236 17.13 -13.56 12.28
C CYS B 236 18.13 -14.17 11.35
N SER B 237 19.33 -14.43 11.86
CA SER B 237 20.40 -15.03 11.03
C SER B 237 20.89 -16.36 11.59
N LYS B 238 21.19 -17.32 10.72
CA LYS B 238 21.80 -18.58 11.22
C LYS B 238 23.32 -18.43 11.43
N THR B 239 23.90 -17.43 10.76
CA THR B 239 25.31 -17.09 10.92
C THR B 239 25.48 -16.00 12.00
N ASP B 240 26.67 -15.93 12.58
CA ASP B 240 27.03 -14.91 13.57
C ASP B 240 27.21 -13.49 13.00
N THR B 241 27.40 -13.37 11.69
CA THR B 241 27.58 -12.05 11.03
C THR B 241 26.33 -11.11 11.00
N GLY B 242 25.13 -11.69 10.96
CA GLY B 242 23.86 -10.93 11.10
C GLY B 242 23.44 -10.03 9.94
N LEU B 243 22.47 -9.16 10.16
CA LEU B 243 21.88 -8.38 9.04
C LEU B 243 22.08 -6.87 9.05
N THR B 244 22.95 -6.33 9.91
CA THR B 244 23.11 -4.86 10.02
C THR B 244 23.92 -4.23 8.90
N LYS B 245 24.67 -5.03 8.18
CA LYS B 245 25.61 -4.48 7.22
C LYS B 245 25.39 -5.12 5.88
N PRO B 246 24.98 -4.33 4.88
CA PRO B 246 24.80 -4.88 3.54
C PRO B 246 26.14 -5.29 2.89
N ASN B 247 26.12 -6.36 2.12
CA ASN B 247 27.28 -6.88 1.35
C ASN B 247 27.33 -6.34 -0.04
N LYS B 248 26.28 -5.64 -0.46
CA LYS B 248 26.17 -5.18 -1.85
C LYS B 248 25.41 -3.89 -1.92
N LYS B 249 25.73 -3.09 -2.92
CA LYS B 249 25.07 -1.83 -3.13
C LYS B 249 24.12 -2.06 -4.26
N LEU B 250 22.93 -1.47 -4.18
CA LEU B 250 21.89 -1.63 -5.19
C LEU B 250 22.03 -0.64 -6.34
N GLU B 251 22.91 -0.99 -7.27
CA GLU B 251 23.35 -0.09 -8.33
C GLU B 251 22.61 -0.22 -9.66
N SER B 252 22.13 -1.44 -9.97
CA SER B 252 21.45 -1.66 -11.26
C SER B 252 20.16 -0.86 -11.42
N LYS B 253 19.67 -0.83 -12.64
CA LYS B 253 18.56 0.05 -13.01
C LYS B 253 17.24 -0.26 -12.32
N GLU B 254 17.03 -1.52 -11.92
CA GLU B 254 15.82 -1.96 -11.23
C GLU B 254 15.62 -1.22 -9.89
N PHE B 255 16.72 -0.74 -9.34
CA PHE B 255 16.83 -0.12 -8.01
C PHE B 255 16.93 1.40 -8.04
N ALA B 256 16.88 1.99 -9.25
CA ALA B 256 17.07 3.44 -9.46
C ALA B 256 16.02 4.32 -8.74
N ASP B 257 14.79 3.85 -8.71
CA ASP B 257 13.72 4.62 -8.18
C ASP B 257 13.40 4.28 -6.72
N LEU B 258 14.30 3.63 -5.98
CA LEU B 258 13.98 3.30 -4.57
C LEU B 258 13.64 4.60 -3.86
N LYS B 259 12.64 4.58 -2.98
CA LYS B 259 12.25 5.82 -2.31
C LYS B 259 12.61 5.96 -0.84
N TYR B 260 13.10 4.91 -0.20
CA TYR B 260 13.47 4.98 1.21
C TYR B 260 14.84 4.32 1.45
N TYR B 261 14.93 3.03 1.15
CA TYR B 261 16.15 2.25 1.36
C TYR B 261 17.38 2.84 0.64
N ASN B 262 18.50 2.89 1.35
CA ASN B 262 19.80 3.09 0.71
C ASN B 262 20.86 2.44 1.58
N TYR B 263 22.06 2.36 1.05
CA TYR B 263 23.15 1.73 1.75
C TYR B 263 23.40 2.22 3.19
N GLU B 264 23.37 3.53 3.39
CA GLU B 264 23.63 4.13 4.69
CA GLU B 264 23.62 4.14 4.68
C GLU B 264 22.49 3.91 5.68
N ASN B 265 21.25 4.11 5.24
CA ASN B 265 20.02 3.77 5.95
CA ASN B 265 20.14 3.92 6.17
C ASN B 265 19.86 2.43 6.53
N HIS B 266 20.32 1.52 5.74
CA HIS B 266 20.29 0.11 6.10
C HIS B 266 20.82 -0.12 7.55
N SER B 267 22.09 0.26 7.79
CA SER B 267 22.69 0.11 9.12
CA SER B 267 22.71 0.12 9.12
C SER B 267 22.10 1.05 10.20
N ALA B 268 21.69 2.24 9.80
CA ALA B 268 21.12 3.26 10.70
C ALA B 268 19.82 2.75 11.31
N ALA B 269 19.06 1.93 10.57
CA ALA B 269 17.77 1.38 11.02
C ALA B 269 17.91 0.53 12.28
N PHE B 270 19.11 0.00 12.52
CA PHE B 270 19.36 -0.82 13.72
C PHE B 270 19.89 -0.04 14.93
N LYS B 271 20.02 1.29 14.82
CA LYS B 271 20.56 2.10 15.90
C LYS B 271 19.32 2.65 16.64
N LEU B 272 19.00 2.02 17.76
CA LEU B 272 17.72 2.15 18.42
C LEU B 272 17.80 3.07 19.60
N PRO B 273 16.69 3.73 19.99
CA PRO B 273 16.68 4.55 21.22
C PRO B 273 17.31 3.81 22.43
N ALA B 274 18.08 4.52 23.26
CA ALA B 274 18.73 3.94 24.44
C ALA B 274 17.81 3.07 25.32
N PHE B 275 16.57 3.48 25.52
CA PHE B 275 15.68 2.79 26.47
C PHE B 275 15.39 1.39 25.94
N LEU B 276 15.33 1.27 24.60
CA LEU B 276 15.05 -0.03 23.98
C LEU B 276 16.27 -0.94 24.03
N LEU B 277 17.44 -0.39 23.71
CA LEU B 277 18.72 -1.10 23.83
C LEU B 277 18.86 -1.71 25.22
N LYS B 278 18.55 -0.95 26.24
CA LYS B 278 18.66 -1.37 27.60
C LYS B 278 17.63 -2.49 27.92
N GLU B 279 16.39 -2.37 27.43
CA GLU B 279 15.40 -3.43 27.60
C GLU B 279 15.77 -4.74 26.90
N ILE B 280 16.37 -4.67 25.72
CA ILE B 280 16.70 -5.89 24.97
C ILE B 280 18.13 -6.39 25.27
N GLU B 281 18.93 -5.55 25.95
CA GLU B 281 20.22 -5.91 26.60
C GLU B 281 21.31 -6.43 25.65
N LYS C 3 -15.26 8.45 28.42
CA LYS C 3 -14.23 9.55 28.32
C LYS C 3 -14.22 10.24 26.94
N LYS C 4 -13.95 11.55 26.94
CA LYS C 4 -13.72 12.30 25.71
C LYS C 4 -12.33 12.00 25.11
N TRP C 5 -12.16 12.43 23.87
CA TRP C 5 -10.93 12.23 23.11
C TRP C 5 -10.45 13.56 22.66
N PHE C 6 -9.15 13.81 22.79
CA PHE C 6 -8.57 14.96 22.17
C PHE C 6 -8.11 14.58 20.75
N SER C 7 -8.48 15.36 19.72
CA SER C 7 -8.06 15.11 18.33
C SER C 7 -7.27 16.26 17.74
N GLU C 8 -6.13 15.96 17.12
CA GLU C 8 -5.21 17.01 16.62
C GLU C 8 -5.39 17.27 15.10
N PHE C 9 -6.27 18.20 14.78
CA PHE C 9 -6.53 18.59 13.38
C PHE C 9 -5.78 19.86 13.10
N SER C 10 -5.31 19.99 11.86
CA SER C 10 -4.60 21.17 11.43
C SER C 10 -4.53 21.26 9.92
N ILE C 11 -4.61 22.48 9.39
CA ILE C 11 -4.27 22.77 7.97
C ILE C 11 -2.80 22.46 7.62
N MET C 12 -1.95 22.35 8.64
CA MET C 12 -0.56 21.98 8.44
CA MET C 12 -0.54 21.99 8.41
C MET C 12 -0.39 20.48 8.15
N TRP C 13 -1.45 19.71 8.41
CA TRP C 13 -1.48 18.26 8.11
C TRP C 13 -2.89 17.88 7.68
N PRO C 14 -3.30 18.34 6.48
CA PRO C 14 -4.69 18.10 6.11
C PRO C 14 -4.99 16.59 5.89
N GLY C 15 -6.20 16.18 6.26
CA GLY C 15 -6.65 14.82 6.01
C GLY C 15 -6.09 13.72 6.88
N GLN C 16 -5.40 14.09 7.96
CA GLN C 16 -4.98 13.12 8.96
C GLN C 16 -5.23 13.70 10.33
N ALA C 17 -5.38 12.85 11.33
CA ALA C 17 -5.52 13.30 12.72
C ALA C 17 -5.06 12.26 13.70
N PHE C 18 -4.40 12.68 14.76
CA PHE C 18 -4.01 11.78 15.80
C PHE C 18 -4.87 12.22 16.99
N SER C 19 -5.31 11.22 17.74
CA SER C 19 -6.21 11.42 18.88
C SER C 19 -5.64 10.70 20.09
N LEU C 20 -5.83 11.32 21.25
CA LEU C 20 -5.48 10.74 22.54
C LEU C 20 -6.74 10.72 23.48
N LYS C 21 -7.01 9.57 24.10
CA LYS C 21 -8.09 9.52 25.10
C LYS C 21 -7.78 10.44 26.32
N ILE C 22 -8.75 11.27 26.73
CA ILE C 22 -8.61 12.21 27.89
C ILE C 22 -9.07 11.52 29.20
N LYS C 23 -8.16 11.41 30.18
CA LYS C 23 -8.51 11.04 31.55
C LYS C 23 -9.15 12.24 32.29
N LYS C 24 -8.49 13.39 32.30
CA LYS C 24 -9.09 14.62 32.81
CA LYS C 24 -9.10 14.62 32.79
C LYS C 24 -8.43 15.85 32.22
N ILE C 25 -9.23 16.87 31.91
CA ILE C 25 -8.70 18.21 31.60
CA ILE C 25 -8.71 18.21 31.60
C ILE C 25 -8.14 18.85 32.88
N LEU C 26 -6.92 19.39 32.79
CA LEU C 26 -6.25 19.98 33.94
C LEU C 26 -6.24 21.50 33.93
N TYR C 27 -6.08 22.10 32.76
CA TYR C 27 -5.97 23.53 32.62
C TYR C 27 -6.36 23.96 31.20
N GLU C 28 -7.05 25.10 31.11
CA GLU C 28 -7.48 25.65 29.84
C GLU C 28 -7.51 27.14 30.00
N THR C 29 -6.86 27.85 29.09
CA THR C 29 -6.83 29.31 29.15
C THR C 29 -6.34 29.87 27.82
N LYS C 30 -6.71 31.13 27.57
CA LYS C 30 -6.20 31.85 26.41
C LYS C 30 -5.17 32.83 26.96
N SER C 31 -3.94 32.83 26.44
CA SER C 31 -2.94 33.77 26.93
C SER C 31 -2.90 34.95 25.97
N LYS C 32 -2.00 35.91 26.17
CA LYS C 32 -1.85 36.98 25.17
C LYS C 32 -1.59 36.43 23.75
N TYR C 33 -1.03 35.21 23.65
CA TYR C 33 -0.50 34.70 22.35
C TYR C 33 -1.19 33.50 21.75
N GLN C 34 -1.69 32.59 22.60
CA GLN C 34 -2.22 31.33 22.11
C GLN C 34 -3.20 30.69 23.10
N ASN C 35 -3.94 29.69 22.62
CA ASN C 35 -4.79 28.88 23.48
C ASN C 35 -3.98 27.79 24.14
N VAL C 36 -4.04 27.72 25.46
CA VAL C 36 -3.27 26.74 26.24
C VAL C 36 -4.19 25.69 26.84
N LEU C 37 -3.91 24.41 26.56
CA LEU C 37 -4.63 23.29 27.13
C LEU C 37 -3.65 22.27 27.74
N VAL C 38 -3.93 21.82 28.95
CA VAL C 38 -3.18 20.77 29.60
C VAL C 38 -4.17 19.69 29.97
N PHE C 39 -3.92 18.46 29.56
CA PHE C 39 -4.77 17.39 29.99
C PHE C 39 -3.98 16.15 30.37
N GLU C 40 -4.57 15.35 31.23
CA GLU C 40 -4.06 14.04 31.48
C GLU C 40 -4.72 13.04 30.50
N SER C 41 -3.89 12.41 29.66
CA SER C 41 -4.35 11.43 28.70
C SER C 41 -4.28 10.11 29.42
N THR C 42 -4.98 9.10 28.89
CA THR C 42 -5.04 7.83 29.56
C THR C 42 -3.74 7.03 29.43
N THR C 43 -3.01 7.19 28.34
CA THR C 43 -1.82 6.36 28.18
C THR C 43 -0.48 7.09 27.84
N TYR C 44 -0.53 8.40 27.54
CA TYR C 44 0.71 9.17 27.30
C TYR C 44 1.11 10.13 28.47
N GLY C 45 0.43 9.97 29.61
CA GLY C 45 0.52 10.92 30.73
C GLY C 45 -0.06 12.28 30.44
N LYS C 46 0.47 13.30 31.10
CA LYS C 46 0.06 14.67 30.83
C LYS C 46 0.55 15.20 29.47
N VAL C 47 -0.28 16.05 28.87
CA VAL C 47 -0.14 16.54 27.50
C VAL C 47 -0.32 18.06 27.49
N LEU C 48 0.66 18.74 26.90
CA LEU C 48 0.56 20.16 26.64
C LEU C 48 0.13 20.46 25.20
N VAL C 49 -0.93 21.26 25.06
CA VAL C 49 -1.47 21.66 23.77
C VAL C 49 -1.41 23.18 23.57
N LEU C 50 -0.82 23.65 22.48
CA LEU C 50 -0.84 25.08 22.14
C LEU C 50 -1.53 25.26 20.79
N ASP C 51 -2.58 26.09 20.79
CA ASP C 51 -3.42 26.33 19.59
C ASP C 51 -3.90 25.04 18.95
N GLY C 52 -4.33 24.09 19.78
CA GLY C 52 -4.85 22.80 19.28
C GLY C 52 -3.77 21.81 18.80
N VAL C 53 -2.50 22.17 18.94
CA VAL C 53 -1.40 21.32 18.51
C VAL C 53 -0.62 20.78 19.73
N ILE C 54 -0.44 19.45 19.81
CA ILE C 54 0.43 18.82 20.84
C ILE C 54 1.86 19.38 20.83
N GLN C 55 2.28 19.93 21.97
CA GLN C 55 3.67 20.39 22.17
C GLN C 55 4.52 19.30 22.77
N LEU C 56 3.96 18.56 23.73
CA LEU C 56 4.68 17.45 24.35
C LEU C 56 3.69 16.57 25.12
N THR C 57 4.15 15.36 25.43
CA THR C 57 3.42 14.45 26.29
C THR C 57 4.49 13.92 27.21
N GLU C 58 4.13 13.53 28.44
CA GLU C 58 5.18 12.94 29.35
C GLU C 58 5.84 11.68 28.83
N LYS C 59 5.11 10.87 28.10
CA LYS C 59 5.61 9.55 27.71
C LYS C 59 6.81 9.61 26.73
N ASP C 60 6.81 10.54 25.82
CA ASP C 60 7.80 10.47 24.68
C ASP C 60 8.66 11.73 24.54
N GLU C 61 8.42 12.73 25.39
CA GLU C 61 9.14 14.02 25.25
C GLU C 61 10.64 13.92 25.32
N PHE C 62 11.16 12.92 26.02
CA PHE C 62 12.58 12.76 26.15
C PHE C 62 13.24 12.59 24.74
N ALA C 63 12.55 11.94 23.81
CA ALA C 63 13.01 11.78 22.42
C ALA C 63 13.43 13.10 21.76
N TYR C 64 12.49 14.04 21.68
CA TYR C 64 12.75 15.33 21.11
C TYR C 64 13.70 16.18 21.95
N HIS C 65 13.51 16.26 23.27
CA HIS C 65 14.38 17.16 24.07
C HIS C 65 15.87 16.73 24.10
N GLU C 66 16.08 15.42 24.11
CA GLU C 66 17.39 14.83 24.15
C GLU C 66 18.06 15.03 22.80
N MET C 67 17.38 14.71 21.69
CA MET C 67 18.05 14.83 20.36
C MET C 67 18.34 16.26 19.98
N MET C 68 17.40 17.16 20.28
CA MET C 68 17.58 18.60 20.04
C MET C 68 18.74 19.19 20.81
N THR C 69 18.96 18.70 22.03
CA THR C 69 19.98 19.23 22.92
C THR C 69 21.32 18.56 22.64
N HIS C 70 21.35 17.24 22.66
CA HIS C 70 22.65 16.58 22.72
C HIS C 70 23.36 16.44 21.37
N VAL C 71 22.64 16.59 20.27
CA VAL C 71 23.25 16.73 18.96
C VAL C 71 24.23 17.96 18.93
N PRO C 72 23.75 19.22 19.13
CA PRO C 72 24.75 20.29 19.09
C PRO C 72 25.72 20.30 20.28
N MET C 73 25.29 19.88 21.48
CA MET C 73 26.14 19.95 22.68
C MET C 73 27.26 18.91 22.76
N THR C 74 27.13 17.83 22.02
CA THR C 74 28.23 16.90 21.92
C THR C 74 29.19 17.25 20.78
N VAL C 75 28.81 18.14 19.90
CA VAL C 75 29.69 18.55 18.82
C VAL C 75 30.52 19.82 19.19
N SER C 76 29.86 20.85 19.71
CA SER C 76 30.49 22.00 20.28
C SER C 76 31.52 21.50 21.32
N LYS C 77 32.76 21.99 21.21
CA LYS C 77 33.85 21.44 22.02
C LYS C 77 33.68 21.82 23.47
N GLU C 78 33.59 23.12 23.73
CA GLU C 78 33.48 23.59 25.11
C GLU C 78 32.37 24.65 25.17
N PRO C 79 31.09 24.24 25.00
CA PRO C 79 30.07 25.31 24.96
C PRO C 79 29.84 25.92 26.32
N LYS C 80 29.90 27.25 26.43
CA LYS C 80 29.69 27.90 27.75
C LYS C 80 28.40 28.67 27.83
N ASN C 81 28.01 29.30 26.72
CA ASN C 81 26.81 30.13 26.73
C ASN C 81 25.84 29.60 25.68
N VAL C 82 24.62 29.31 26.10
CA VAL C 82 23.67 28.63 25.22
C VAL C 82 22.39 29.41 25.29
N LEU C 83 21.77 29.65 24.13
CA LEU C 83 20.42 30.23 24.05
C LEU C 83 19.41 29.17 23.64
N VAL C 84 18.28 29.12 24.36
CA VAL C 84 17.06 28.46 23.88
C VAL C 84 16.04 29.47 23.37
N VAL C 85 15.55 29.29 22.15
CA VAL C 85 14.47 30.10 21.61
C VAL C 85 13.18 29.27 21.74
N GLY C 86 12.13 29.84 22.32
CA GLY C 86 10.91 29.04 22.55
C GLY C 86 11.22 28.15 23.73
N GLY C 87 10.75 26.91 23.70
CA GLY C 87 11.12 25.93 24.71
C GLY C 87 10.59 26.21 26.12
N GLY C 88 9.46 26.94 26.21
CA GLY C 88 8.91 27.36 27.52
C GLY C 88 8.61 26.24 28.51
N ASP C 89 8.29 25.03 28.02
CA ASP C 89 8.20 23.89 28.93
C ASP C 89 9.42 23.57 29.75
N GLY C 90 10.63 23.92 29.25
CA GLY C 90 11.87 23.69 29.98
C GLY C 90 12.66 22.45 29.59
N GLY C 91 12.16 21.66 28.66
CA GLY C 91 12.75 20.37 28.34
C GLY C 91 14.20 20.49 27.88
N ILE C 92 14.44 21.43 26.98
CA ILE C 92 15.83 21.69 26.47
C ILE C 92 16.70 22.16 27.61
N ILE C 93 16.16 23.08 28.43
CA ILE C 93 16.90 23.54 29.62
C ILE C 93 17.33 22.42 30.54
N ARG C 94 16.43 21.48 30.82
CA ARG C 94 16.77 20.32 31.63
C ARG C 94 17.96 19.55 31.07
N GLU C 95 17.89 19.27 29.79
CA GLU C 95 18.98 18.57 29.11
C GLU C 95 20.30 19.35 29.15
N LEU C 96 20.26 20.64 28.89
CA LEU C 96 21.41 21.53 29.02
C LEU C 96 22.05 21.57 30.39
N CYS C 97 21.23 21.58 31.45
CA CYS C 97 21.71 21.69 32.81
C CYS C 97 22.62 20.52 33.18
N LYS C 98 22.50 19.40 32.46
CA LYS C 98 23.30 18.20 32.69
C LYS C 98 24.78 18.42 32.37
N TYR C 99 25.08 19.41 31.52
CA TYR C 99 26.46 19.80 31.22
C TYR C 99 26.89 20.77 32.29
N LYS C 100 27.72 20.28 33.22
CA LYS C 100 28.19 21.09 34.38
C LYS C 100 29.12 22.22 33.93
N SER C 101 29.75 22.00 32.77
CA SER C 101 30.65 22.97 32.16
C SER C 101 29.98 24.17 31.48
N VAL C 102 28.66 24.11 31.23
CA VAL C 102 27.91 25.26 30.73
C VAL C 102 27.88 26.27 31.85
N GLU C 103 28.15 27.53 31.50
CA GLU C 103 28.18 28.66 32.43
C GLU C 103 26.91 29.49 32.41
N ASN C 104 26.22 29.52 31.27
CA ASN C 104 25.03 30.37 31.14
C ASN C 104 24.03 29.77 30.15
N ILE C 105 22.75 29.81 30.54
CA ILE C 105 21.63 29.42 29.67
C ILE C 105 20.63 30.54 29.66
N ASP C 106 20.45 31.16 28.51
CA ASP C 106 19.38 32.12 28.29
C ASP C 106 18.28 31.36 27.61
N ILE C 107 17.06 31.62 28.03
CA ILE C 107 15.90 31.23 27.25
C ILE C 107 15.03 32.45 26.90
N CYS C 108 14.62 32.51 25.62
CA CYS C 108 13.73 33.57 25.18
C CYS C 108 12.44 32.94 24.69
N GLU C 109 11.42 33.07 25.52
CA GLU C 109 10.10 32.48 25.29
C GLU C 109 9.07 33.62 25.30
N ILE C 110 8.28 33.67 24.22
CA ILE C 110 7.33 34.76 24.03
C ILE C 110 6.14 34.75 25.01
N ASP C 111 5.69 33.56 25.41
CA ASP C 111 4.47 33.36 26.22
C ASP C 111 4.82 32.91 27.62
N GLU C 112 4.75 33.81 28.60
CA GLU C 112 5.11 33.37 29.97
C GLU C 112 4.13 32.40 30.62
N THR C 113 2.89 32.34 30.12
CA THR C 113 1.89 31.33 30.54
C THR C 113 2.40 29.90 30.30
N VAL C 114 3.17 29.72 29.24
CA VAL C 114 3.68 28.41 28.96
C VAL C 114 4.65 28.02 30.06
N ILE C 115 5.55 28.91 30.46
CA ILE C 115 6.47 28.60 31.58
C ILE C 115 5.69 28.34 32.88
N GLU C 116 4.68 29.16 33.16
CA GLU C 116 3.92 29.04 34.44
C GLU C 116 3.23 27.68 34.50
N VAL C 117 2.54 27.30 33.43
CA VAL C 117 1.78 26.04 33.42
CA VAL C 117 1.78 26.04 33.35
C VAL C 117 2.73 24.84 33.42
N SER C 118 3.94 25.01 32.89
CA SER C 118 4.89 23.90 32.89
CA SER C 118 4.91 23.91 32.89
C SER C 118 5.48 23.71 34.27
N LYS C 119 5.60 24.81 35.01
CA LYS C 119 6.07 24.76 36.40
C LYS C 119 5.02 24.01 37.28
N ILE C 120 3.73 24.24 36.99
CA ILE C 120 2.59 23.60 37.69
C ILE C 120 2.40 22.09 37.33
N TYR C 121 2.40 21.73 36.06
CA TYR C 121 1.92 20.42 35.64
C TYR C 121 2.99 19.50 35.04
N PHE C 122 4.18 20.03 34.79
CA PHE C 122 5.25 19.21 34.15
C PHE C 122 6.55 19.47 34.90
N LYS C 123 6.54 19.21 36.21
CA LYS C 123 7.72 19.42 37.07
C LYS C 123 8.96 18.64 36.60
N ASN C 124 8.75 17.45 36.03
CA ASN C 124 9.85 16.64 35.50
C ASN C 124 10.52 17.23 34.24
N ILE C 125 9.87 18.23 33.64
CA ILE C 125 10.33 18.85 32.41
C ILE C 125 10.85 20.23 32.73
N SER C 126 10.20 20.91 33.70
CA SER C 126 10.51 22.30 34.01
C SER C 126 11.46 22.47 35.17
N CYS C 127 12.06 21.38 35.64
CA CYS C 127 12.90 21.44 36.82
C CYS C 127 14.18 22.28 36.60
N GLY C 128 14.55 22.50 35.35
CA GLY C 128 15.74 23.31 35.08
C GLY C 128 15.64 24.80 35.40
N TYR C 129 14.43 25.33 35.51
CA TYR C 129 14.28 26.75 35.79
C TYR C 129 14.87 27.13 37.16
N GLU C 130 15.12 26.13 38.01
CA GLU C 130 15.68 26.43 39.32
C GLU C 130 17.22 26.46 39.31
N ASP C 131 17.82 25.98 38.21
CA ASP C 131 19.25 26.15 38.01
C ASP C 131 19.66 27.63 37.97
N LYS C 132 20.72 27.96 38.73
CA LYS C 132 21.19 29.35 38.88
C LYS C 132 21.78 29.93 37.59
N ARG C 133 22.24 29.05 36.67
CA ARG C 133 22.78 29.46 35.36
C ARG C 133 21.73 29.92 34.36
N VAL C 134 20.46 29.68 34.67
CA VAL C 134 19.35 29.93 33.76
C VAL C 134 18.78 31.34 33.89
N ASN C 135 18.63 32.03 32.76
CA ASN C 135 18.07 33.39 32.72
C ASN C 135 16.92 33.50 31.74
N VAL C 136 15.77 33.97 32.21
CA VAL C 136 14.55 33.90 31.41
C VAL C 136 14.21 35.28 30.83
N PHE C 137 13.87 35.32 29.54
CA PHE C 137 13.51 36.56 28.83
C PHE C 137 12.17 36.28 28.22
N ILE C 138 11.20 37.12 28.53
CA ILE C 138 9.87 37.01 27.95
C ILE C 138 9.76 38.00 26.77
N GLU C 139 9.99 37.52 25.56
CA GLU C 139 10.09 38.39 24.41
C GLU C 139 9.98 37.50 23.17
N ASP C 140 9.50 38.05 22.05
CA ASP C 140 9.67 37.43 20.73
C ASP C 140 11.17 37.25 20.45
N ALA C 141 11.64 36.03 20.20
CA ALA C 141 13.09 35.84 19.96
C ALA C 141 13.58 36.62 18.73
N SER C 142 12.68 36.86 17.78
CA SER C 142 13.04 37.66 16.61
C SER C 142 13.51 39.06 17.01
N LYS C 143 12.88 39.63 18.03
CA LYS C 143 13.30 40.91 18.60
C LYS C 143 14.48 40.83 19.56
N PHE C 144 14.52 39.78 20.41
CA PHE C 144 15.58 39.59 21.40
C PHE C 144 16.96 39.54 20.71
N LEU C 145 17.03 38.85 19.57
CA LEU C 145 18.28 38.66 18.87
C LEU C 145 18.73 39.85 18.02
N GLU C 146 17.88 40.86 17.85
CA GLU C 146 18.19 42.00 16.95
C GLU C 146 19.58 42.61 17.13
N ASN C 147 19.99 42.93 18.34
CA ASN C 147 21.35 43.40 18.41
C ASN C 147 22.24 42.56 19.33
N VAL C 148 22.11 41.25 19.16
CA VAL C 148 22.93 40.30 19.89
C VAL C 148 23.98 39.78 18.89
N THR C 149 25.26 39.77 19.30
CA THR C 149 26.40 39.51 18.40
C THR C 149 27.47 38.68 19.06
N ASN C 150 28.02 37.68 18.37
CA ASN C 150 29.25 36.99 18.87
C ASN C 150 29.11 36.54 20.36
N THR C 151 28.01 35.85 20.69
CA THR C 151 27.61 35.65 22.09
C THR C 151 27.43 34.17 22.48
N TYR C 152 26.78 33.37 21.65
CA TYR C 152 26.33 32.01 22.02
C TYR C 152 27.15 30.99 21.29
N ASP C 153 27.57 29.96 22.01
CA ASP C 153 28.20 28.78 21.44
C ASP C 153 27.20 27.90 20.68
N VAL C 154 25.97 27.81 21.20
CA VAL C 154 24.94 26.97 20.62
C VAL C 154 23.66 27.77 20.75
N ILE C 155 22.85 27.79 19.69
CA ILE C 155 21.45 28.23 19.83
C ILE C 155 20.48 27.09 19.47
N ILE C 156 19.47 26.85 20.33
CA ILE C 156 18.52 25.78 20.08
C ILE C 156 17.16 26.40 19.89
N VAL C 157 16.59 26.25 18.69
CA VAL C 157 15.26 26.81 18.42
C VAL C 157 14.16 25.76 18.60
N ASP C 158 13.59 25.73 19.82
CA ASP C 158 12.51 24.80 20.13
C ASP C 158 11.16 25.51 19.98
N SER C 159 10.78 25.74 18.75
CA SER C 159 9.60 26.49 18.45
C SER C 159 8.38 25.57 18.29
N SER C 160 7.23 26.19 18.50
CA SER C 160 6.01 25.66 17.99
C SER C 160 6.02 25.79 16.44
N ASP C 161 4.93 25.41 15.80
CA ASP C 161 4.78 25.49 14.33
C ASP C 161 4.62 26.95 13.74
N PRO C 162 4.87 27.12 12.41
CA PRO C 162 4.88 28.45 11.77
C PRO C 162 3.52 29.19 11.83
N ILE C 163 2.44 28.46 12.10
CA ILE C 163 1.14 29.10 12.30
C ILE C 163 1.04 29.47 13.78
N GLY C 164 1.00 30.76 14.08
CA GLY C 164 1.03 31.23 15.47
C GLY C 164 2.19 32.19 15.72
N PRO C 165 2.58 32.38 17.01
CA PRO C 165 3.73 33.27 17.29
C PRO C 165 5.10 32.79 16.73
N ALA C 166 5.23 31.53 16.34
CA ALA C 166 6.49 31.02 15.83
C ALA C 166 6.72 31.41 14.37
N GLU C 167 5.70 32.00 13.77
CA GLU C 167 5.78 32.51 12.41
C GLU C 167 7.00 33.39 12.13
N THR C 168 7.40 34.21 13.10
CA THR C 168 8.57 35.08 12.95
C THR C 168 9.91 34.33 13.03
N LEU C 169 9.87 33.02 13.27
CA LEU C 169 11.09 32.21 13.44
C LEU C 169 11.37 31.35 12.20
N PHE C 170 10.47 31.40 11.24
CA PHE C 170 10.58 30.55 10.05
C PHE C 170 10.84 31.40 8.77
N ASN C 171 11.91 32.19 8.79
CA ASN C 171 12.25 33.08 7.68
C ASN C 171 13.73 33.39 7.65
N GLN C 172 14.19 33.96 6.54
CA GLN C 172 15.59 34.22 6.32
C GLN C 172 16.13 35.27 7.30
N ASN C 173 15.39 36.36 7.52
CA ASN C 173 15.76 37.35 8.53
C ASN C 173 16.09 36.81 9.93
N PHE C 174 15.31 35.83 10.42
CA PHE C 174 15.59 35.24 11.73
C PHE C 174 16.94 34.54 11.69
N TYR C 175 17.22 33.87 10.58
CA TYR C 175 18.44 33.10 10.44
C TYR C 175 19.70 33.97 10.38
N GLU C 176 19.57 35.17 9.82
CA GLU C 176 20.65 36.16 9.89
C GLU C 176 20.91 36.62 11.32
N LYS C 177 19.86 36.85 12.10
CA LYS C 177 20.06 37.19 13.51
C LYS C 177 20.72 36.03 14.31
N ILE C 178 20.28 34.80 14.08
CA ILE C 178 20.90 33.64 14.70
C ILE C 178 22.38 33.56 14.28
N TYR C 179 22.64 33.66 12.99
CA TYR C 179 24.02 33.55 12.49
C TYR C 179 24.93 34.58 13.18
N ASN C 180 24.49 35.84 13.22
CA ASN C 180 25.24 36.89 13.88
CA ASN C 180 25.16 36.96 13.92
C ASN C 180 25.38 36.74 15.44
N ALA C 181 24.33 36.25 16.13
CA ALA C 181 24.37 36.08 17.60
C ALA C 181 25.29 34.94 18.00
N LEU C 182 25.58 34.03 17.08
CA LEU C 182 26.49 32.92 17.37
C LEU C 182 27.96 33.34 17.30
N LYS C 183 28.80 32.64 18.05
CA LYS C 183 30.25 32.81 18.06
CA LYS C 183 30.24 32.87 18.04
C LYS C 183 30.84 32.34 16.73
N PRO C 184 32.11 32.66 16.45
CA PRO C 184 32.55 32.27 15.09
C PRO C 184 32.45 30.78 14.73
N ASN C 185 32.60 29.90 15.71
CA ASN C 185 32.40 28.48 15.48
C ASN C 185 31.10 27.96 16.16
N GLY C 186 30.11 28.83 16.34
CA GLY C 186 28.85 28.45 16.94
C GLY C 186 27.97 27.56 16.04
N TYR C 187 26.98 26.87 16.68
CA TYR C 187 26.03 25.98 15.98
C TYR C 187 24.57 26.37 16.34
N CYS C 188 23.66 26.24 15.37
CA CYS C 188 22.25 26.36 15.65
C CYS C 188 21.55 25.07 15.18
N VAL C 189 20.67 24.55 16.05
CA VAL C 189 19.65 23.57 15.61
C VAL C 189 18.27 24.11 15.82
N ALA C 190 17.36 23.70 14.95
CA ALA C 190 15.99 24.22 14.98
C ALA C 190 14.98 23.13 14.65
N GLN C 191 13.84 23.17 15.32
CA GLN C 191 12.79 22.26 15.01
C GLN C 191 12.37 22.50 13.55
N CYS C 192 12.22 21.43 12.79
CA CYS C 192 12.02 21.62 11.37
C CYS C 192 11.13 20.53 10.79
N GLU C 193 10.11 20.15 11.53
CA GLU C 193 8.92 19.54 10.96
C GLU C 193 9.09 18.10 10.45
N SER C 194 8.08 17.59 9.76
CA SER C 194 8.09 16.17 9.45
C SER C 194 8.40 15.90 7.97
N LEU C 195 9.39 15.04 7.71
CA LEU C 195 9.73 14.66 6.32
C LEU C 195 8.55 13.97 5.52
N TRP C 196 7.52 13.50 6.23
CA TRP C 196 6.46 12.78 5.60
C TRP C 196 5.44 13.73 5.01
N ILE C 197 5.40 14.97 5.48
CA ILE C 197 4.37 15.94 5.02
C ILE C 197 4.86 17.35 4.76
N HIS C 198 6.03 17.72 5.26
CA HIS C 198 6.46 19.11 5.23
C HIS C 198 7.68 19.42 4.38
N VAL C 199 7.86 18.67 3.28
CA VAL C 199 9.09 18.79 2.47
C VAL C 199 9.30 20.19 1.91
N GLY C 200 8.24 20.88 1.46
CA GLY C 200 8.32 22.29 1.04
C GLY C 200 8.92 23.20 2.11
N THR C 201 8.44 23.07 3.36
CA THR C 201 9.01 23.83 4.52
C THR C 201 10.44 23.46 4.82
N ILE C 202 10.75 22.16 4.79
CA ILE C 202 12.11 21.69 5.03
C ILE C 202 13.08 22.31 4.01
N LYS C 203 12.71 22.22 2.72
CA LYS C 203 13.50 22.80 1.62
C LYS C 203 13.63 24.32 1.78
N ASN C 204 12.55 25.01 2.17
CA ASN C 204 12.66 26.46 2.44
C ASN C 204 13.64 26.79 3.55
N MET C 205 13.54 26.07 4.65
CA MET C 205 14.40 26.34 5.79
C MET C 205 15.84 25.97 5.53
N ILE C 206 16.06 24.82 4.93
CA ILE C 206 17.42 24.49 4.51
C ILE C 206 18.03 25.62 3.61
N GLY C 207 17.26 26.08 2.64
CA GLY C 207 17.61 27.19 1.76
C GLY C 207 18.06 28.44 2.53
N TYR C 208 17.29 28.87 3.55
CA TYR C 208 17.63 30.06 4.32
C TYR C 208 18.91 29.84 5.04
N ALA C 209 19.08 28.67 5.63
CA ALA C 209 20.29 28.42 6.39
C ALA C 209 21.52 28.42 5.47
N LYS C 210 21.36 27.87 4.27
CA LYS C 210 22.49 27.70 3.30
C LYS C 210 23.09 29.00 2.75
N LYS C 211 22.29 30.06 2.71
CA LYS C 211 22.72 31.40 2.39
C LYS C 211 23.72 31.94 3.43
N LEU C 212 23.67 31.43 4.66
CA LEU C 212 24.55 31.95 5.73
C LEU C 212 25.58 30.98 6.26
N PHE C 213 25.19 29.73 6.48
CA PHE C 213 26.03 28.74 7.13
C PHE C 213 26.83 27.90 6.12
N LYS C 214 28.07 27.58 6.46
CA LYS C 214 28.94 26.74 5.65
C LYS C 214 28.30 25.36 5.43
N LYS C 215 27.64 24.82 6.47
CA LYS C 215 27.21 23.43 6.48
C LYS C 215 25.78 23.34 7.10
N VAL C 216 24.84 22.76 6.36
CA VAL C 216 23.46 22.68 6.77
C VAL C 216 23.03 21.26 6.53
N GLU C 217 22.53 20.64 7.59
CA GLU C 217 22.22 19.22 7.61
C GLU C 217 20.85 19.04 8.23
N TYR C 218 20.35 17.81 8.20
CA TYR C 218 18.98 17.52 8.61
C TYR C 218 18.95 16.17 9.29
N ALA C 219 18.37 16.12 10.51
CA ALA C 219 18.28 14.89 11.25
C ALA C 219 16.78 14.60 11.60
N ASN C 220 16.44 13.33 11.70
CA ASN C 220 15.13 12.86 12.03
C ASN C 220 15.02 12.20 13.42
N ILE C 221 13.92 12.47 14.10
CA ILE C 221 13.69 11.89 15.45
C ILE C 221 12.39 11.09 15.41
N SER C 222 12.39 9.85 15.94
CA SER C 222 11.15 9.07 16.09
C SER C 222 10.42 9.54 17.36
N ILE C 223 9.19 10.02 17.19
CA ILE C 223 8.38 10.46 18.34
C ILE C 223 6.88 10.41 17.97
N PRO C 224 6.09 9.56 18.65
CA PRO C 224 4.73 9.22 18.17
C PRO C 224 3.68 10.33 18.20
N THR C 225 3.88 11.33 19.04
CA THR C 225 2.83 12.29 19.31
C THR C 225 3.05 13.60 18.58
N TYR C 226 4.04 13.62 17.67
CA TYR C 226 4.11 14.64 16.60
C TYR C 226 3.51 14.04 15.32
N PRO C 227 2.84 14.85 14.47
CA PRO C 227 2.17 14.36 13.26
C PRO C 227 3.15 13.54 12.40
N CYS C 228 2.69 12.38 11.93
CA CYS C 228 3.49 11.40 11.19
C CYS C 228 4.52 10.62 12.04
N GLY C 229 4.58 10.90 13.36
CA GLY C 229 5.40 10.06 14.25
C GLY C 229 6.89 10.40 14.23
N CYS C 230 7.23 11.54 13.63
CA CYS C 230 8.62 12.00 13.54
C CYS C 230 8.69 13.52 13.39
N ILE C 231 9.81 14.09 13.80
CA ILE C 231 10.03 15.48 13.56
C ILE C 231 11.51 15.68 13.26
N GLY C 232 11.85 16.66 12.46
CA GLY C 232 13.28 16.85 12.10
C GLY C 232 14.01 17.99 12.80
N ILE C 233 15.33 17.99 12.68
CA ILE C 233 16.19 19.01 13.25
C ILE C 233 16.99 19.60 12.10
N LEU C 234 16.81 20.90 11.86
CA LEU C 234 17.66 21.68 11.00
C LEU C 234 18.98 21.97 11.72
N CYS C 235 20.09 21.58 11.12
CA CYS C 235 21.37 21.64 11.81
C CYS C 235 22.31 22.56 11.03
N CYS C 236 22.76 23.63 11.67
CA CYS C 236 23.43 24.73 11.01
C CYS C 236 24.80 24.91 11.68
N SER C 237 25.85 24.77 10.89
CA SER C 237 27.24 24.87 11.37
C SER C 237 27.99 25.92 10.56
N LYS C 238 28.80 26.71 11.26
CA LYS C 238 29.62 27.71 10.60
C LYS C 238 30.93 27.07 10.10
N THR C 239 31.25 25.86 10.56
CA THR C 239 32.45 25.12 10.11
C THR C 239 32.05 24.07 9.07
N ASP C 240 32.97 23.54 8.25
CA ASP C 240 32.58 22.52 7.24
C ASP C 240 32.45 21.11 7.80
N THR C 241 32.91 20.88 9.02
CA THR C 241 32.73 19.58 9.61
C THR C 241 31.25 19.21 9.98
N GLY C 242 30.40 20.23 10.17
CA GLY C 242 28.99 19.98 10.49
C GLY C 242 28.68 19.33 11.84
N LEU C 243 27.50 18.69 11.91
CA LEU C 243 26.93 18.23 13.20
C LEU C 243 26.68 16.73 13.35
N THR C 244 27.10 15.93 12.37
CA THR C 244 26.77 14.50 12.34
C THR C 244 27.67 13.63 13.21
N LYS C 245 28.78 14.18 13.68
CA LYS C 245 29.77 13.39 14.41
C LYS C 245 30.11 14.04 15.76
N PRO C 246 29.72 13.38 16.86
CA PRO C 246 30.08 13.94 18.16
C PRO C 246 31.58 13.90 18.45
N ASN C 247 32.00 14.90 19.25
CA ASN C 247 33.36 15.10 19.76
C ASN C 247 33.46 14.68 21.23
N LYS C 248 32.37 14.17 21.78
CA LYS C 248 32.33 13.69 23.14
C LYS C 248 31.19 12.67 23.28
N LYS C 249 31.30 11.85 24.31
CA LYS C 249 30.24 10.90 24.62
C LYS C 249 29.64 11.22 25.99
N LEU C 250 28.35 10.90 26.13
CA LEU C 250 27.59 11.22 27.32
C LEU C 250 27.53 10.02 28.28
N GLU C 251 28.60 9.86 29.08
CA GLU C 251 28.87 8.62 29.85
C GLU C 251 28.85 8.82 31.36
N SER C 252 29.11 10.05 31.77
CA SER C 252 29.22 10.45 33.17
C SER C 252 27.86 10.33 33.83
N LYS C 253 27.83 10.39 35.15
CA LYS C 253 26.61 10.14 35.89
C LYS C 253 25.47 11.13 35.61
N GLU C 254 25.79 12.34 35.16
CA GLU C 254 24.77 13.36 34.82
C GLU C 254 23.88 12.94 33.63
N PHE C 255 24.37 12.02 32.82
CA PHE C 255 23.67 11.54 31.62
C PHE C 255 23.17 10.10 31.77
N ALA C 256 23.26 9.56 32.99
CA ALA C 256 22.76 8.21 33.29
C ALA C 256 21.27 8.06 32.90
N ASP C 257 20.49 9.13 33.00
CA ASP C 257 19.04 8.99 32.76
C ASP C 257 18.61 9.02 31.28
N LEU C 258 19.56 9.09 30.33
CA LEU C 258 19.18 9.29 28.94
C LEU C 258 18.36 8.11 28.45
N LYS C 259 17.27 8.41 27.75
CA LYS C 259 16.36 7.38 27.24
C LYS C 259 16.27 7.22 25.72
N TYR C 260 16.91 8.12 24.97
CA TYR C 260 16.88 8.03 23.53
C TYR C 260 18.31 8.23 23.00
N TYR C 261 18.90 9.41 23.26
CA TYR C 261 20.18 9.78 22.69
C TYR C 261 21.31 8.84 23.16
N ASN C 262 22.17 8.43 22.21
CA ASN C 262 23.48 7.90 22.49
C ASN C 262 24.41 8.24 21.32
N TYR C 263 25.69 7.89 21.45
CA TYR C 263 26.69 8.12 20.45
C TYR C 263 26.38 7.65 19.00
N GLU C 264 25.94 6.39 18.86
CA GLU C 264 25.57 5.84 17.55
C GLU C 264 24.25 6.41 17.02
N ASN C 265 23.29 6.67 17.91
CA ASN C 265 22.02 7.29 17.49
C ASN C 265 22.16 8.68 16.93
N HIS C 266 23.15 9.42 17.42
CA HIS C 266 23.44 10.76 16.94
C HIS C 266 23.72 10.72 15.43
N SER C 267 24.70 9.93 14.99
CA SER C 267 25.03 9.89 13.57
CA SER C 267 25.02 9.91 13.56
C SER C 267 23.90 9.24 12.77
N ALA C 268 23.21 8.25 13.34
CA ALA C 268 22.16 7.52 12.58
C ALA C 268 20.98 8.42 12.17
N ALA C 269 20.67 9.41 13.02
CA ALA C 269 19.62 10.40 12.78
C ALA C 269 19.72 11.13 11.48
N PHE C 270 20.96 11.26 10.95
CA PHE C 270 21.19 12.06 9.74
C PHE C 270 21.19 11.20 8.47
N LYS C 271 20.95 9.93 8.64
CA LYS C 271 20.71 9.00 7.51
C LYS C 271 19.27 8.97 7.07
N LEU C 272 18.97 9.76 6.03
CA LEU C 272 17.61 10.12 5.68
C LEU C 272 17.10 9.19 4.59
N PRO C 273 15.75 9.06 4.48
CA PRO C 273 15.20 8.22 3.38
C PRO C 273 15.58 8.78 2.02
N ALA C 274 15.77 7.88 1.06
CA ALA C 274 16.14 8.26 -0.29
C ALA C 274 15.32 9.43 -0.89
N PHE C 275 13.98 9.42 -0.74
CA PHE C 275 13.19 10.46 -1.42
C PHE C 275 13.53 11.85 -0.86
N LEU C 276 13.83 11.92 0.44
CA LEU C 276 14.11 13.22 1.05
C LEU C 276 15.47 13.73 0.57
N LEU C 277 16.45 12.84 0.45
CA LEU C 277 17.78 13.20 -0.09
C LEU C 277 17.67 13.81 -1.47
N LYS C 278 16.75 13.26 -2.26
CA LYS C 278 16.48 13.70 -3.63
C LYS C 278 15.84 15.09 -3.67
N GLU C 279 14.92 15.34 -2.74
CA GLU C 279 14.33 16.68 -2.56
C GLU C 279 15.34 17.70 -2.10
N ILE C 280 16.23 17.29 -1.20
CA ILE C 280 17.29 18.18 -0.69
C ILE C 280 18.29 18.61 -1.82
N GLU C 281 18.51 17.71 -2.77
CA GLU C 281 19.38 18.06 -3.89
CA GLU C 281 19.33 17.96 -3.98
C GLU C 281 18.72 19.09 -4.82
N ASN C 282 17.42 19.28 -4.67
CA ASN C 282 16.67 20.28 -5.43
C ASN C 282 16.42 21.61 -4.72
N ILE C 283 17.19 21.92 -3.72
CA ILE C 283 16.99 23.18 -3.00
C ILE C 283 17.69 24.40 -3.63
#